data_2FDS
#
_entry.id   2FDS
#
_cell.length_a   44.202
_cell.length_b   108.623
_cell.length_c   69.890
_cell.angle_alpha   90.00
_cell.angle_beta   97.30
_cell.angle_gamma   90.00
#
_symmetry.space_group_name_H-M   'P 1 21 1'
#
loop_
_entity.id
_entity.type
_entity.pdbx_description
1 polymer orotidine-monophosphate-decarboxylase
2 non-polymer 'IODIDE ION'
3 water water
#
_entity_poly.entity_id   1
_entity_poly.type   'polypeptide(L)'
_entity_poly.pdbx_seq_one_letter_code
;MGSSHHHHHHSSGLVPRGSHFKTKLKNRRNEVNTCLCIGLDPDEDDIKNFMRNEEKNGYKNVKNNMNSNNNRIENVIKIG
KEILLTDEENIENLSEEDKFFYFFNHFCFYIINNTKEYALIYKMNFAFYIPYGSVGINALKNVFDYLNSMNIPTMLDMKI
NDIGNTVKNYRKFIFEYLKSDSCTINVYMGTSMLKDICFDYEKNKYYSAYVLIKTTNKDSFIFQNELSINDKQAYIVMAE
ETQKMATDLKIDQNNEFIGFVVGSNAFEEMKIIRNKFPDSYILSPGIGAQNGDLYKTLKNGYNKDYEKLLINVGRAITKS
PNPKKSSESYYNQIIQIFKDIENGGNIEQVYL
;
_entity_poly.pdbx_strand_id   A,B
#
loop_
_chem_comp.id
_chem_comp.type
_chem_comp.name
_chem_comp.formula
IOD non-polymer 'IODIDE ION' 'I -1'
#
# COMPACT_ATOMS: atom_id res chain seq x y z
N HIS A 20 7.98 -5.87 -22.93
CA HIS A 20 9.45 -6.04 -23.04
C HIS A 20 10.14 -6.74 -21.86
N PHE A 21 9.44 -6.91 -20.72
CA PHE A 21 10.10 -7.49 -19.53
C PHE A 21 10.58 -8.94 -19.69
N LYS A 22 9.80 -9.78 -20.36
CA LYS A 22 10.24 -11.15 -20.61
C LYS A 22 11.62 -11.12 -21.31
N THR A 23 11.75 -10.24 -22.30
CA THR A 23 13.02 -10.10 -23.04
C THR A 23 14.15 -9.53 -22.18
N LYS A 24 13.83 -8.47 -21.44
CA LYS A 24 14.78 -7.80 -20.57
C LYS A 24 15.34 -8.75 -19.50
N LEU A 25 14.45 -9.54 -18.90
CA LEU A 25 14.86 -10.52 -17.88
C LEU A 25 15.75 -11.62 -18.46
N LYS A 26 15.35 -12.12 -19.65
CA LYS A 26 16.12 -13.14 -20.35
C LYS A 26 17.50 -12.61 -20.66
N ASN A 27 17.59 -11.40 -21.22
CA ASN A 27 18.89 -10.75 -21.52
C ASN A 27 19.76 -10.58 -20.27
N ARG A 28 19.14 -10.19 -19.16
CA ARG A 28 19.89 -9.97 -17.93
C ARG A 28 20.44 -11.31 -17.39
N ARG A 29 19.59 -12.35 -17.41
CA ARG A 29 19.95 -13.69 -17.02
C ARG A 29 21.16 -14.14 -17.87
N ASN A 30 21.14 -13.85 -19.17
CA ASN A 30 22.27 -14.17 -20.07
C ASN A 30 23.58 -13.49 -19.66
N GLU A 31 23.48 -12.30 -19.09
CA GLU A 31 24.65 -11.58 -18.58
C GLU A 31 25.14 -12.10 -17.26
N VAL A 32 24.24 -12.25 -16.29
CA VAL A 32 24.69 -12.54 -14.93
C VAL A 32 24.64 -14.02 -14.56
N ASN A 33 23.89 -14.79 -15.34
N ASN A 33 24.04 -14.85 -15.40
CA ASN A 33 23.81 -16.28 -15.24
CA ASN A 33 23.95 -16.31 -15.16
C ASN A 33 23.31 -16.84 -13.91
C ASN A 33 23.51 -16.64 -13.73
N THR A 34 22.33 -16.15 -13.33
CA THR A 34 21.80 -16.49 -12.02
C THR A 34 20.32 -16.13 -11.95
N CYS A 35 19.64 -16.66 -10.93
CA CYS A 35 18.28 -16.30 -10.63
C CYS A 35 18.24 -15.48 -9.33
N LEU A 36 19.42 -15.05 -8.85
CA LEU A 36 19.47 -14.27 -7.61
C LEU A 36 18.72 -12.91 -7.72
N CYS A 37 17.73 -12.74 -6.85
CA CYS A 37 16.96 -11.49 -6.68
C CYS A 37 17.41 -10.85 -5.36
N ILE A 38 17.91 -9.62 -5.44
CA ILE A 38 18.42 -8.96 -4.24
C ILE A 38 17.33 -8.07 -3.64
N GLY A 39 16.95 -8.36 -2.39
CA GLY A 39 15.92 -7.57 -1.68
C GLY A 39 16.59 -6.34 -1.07
N LEU A 40 16.05 -5.16 -1.39
CA LEU A 40 16.59 -3.94 -0.85
C LEU A 40 15.52 -3.27 0.03
N ASP A 41 15.62 -3.61 1.31
CA ASP A 41 14.62 -3.27 2.32
C ASP A 41 15.34 -2.57 3.48
N PRO A 42 15.82 -1.32 3.29
CA PRO A 42 16.64 -0.63 4.29
C PRO A 42 15.81 -0.24 5.51
N ASP A 43 16.27 -0.62 6.70
CA ASP A 43 15.55 -0.22 7.92
C ASP A 43 16.37 0.81 8.72
N GLU A 44 15.82 1.30 9.84
CA GLU A 44 16.54 2.30 10.66
C GLU A 44 17.92 1.85 11.16
N ASP A 45 18.02 0.58 11.58
N ASP A 45 18.06 0.58 11.54
CA ASP A 45 19.29 -0.07 11.98
CA ASP A 45 19.33 0.04 12.02
C ASP A 45 20.29 0.16 10.87
C ASP A 45 20.38 -0.08 10.90
N ASP A 46 19.92 -0.24 9.65
CA ASP A 46 20.83 -0.24 8.49
C ASP A 46 21.43 1.14 8.25
N ILE A 47 20.55 2.13 8.25
CA ILE A 47 20.94 3.50 7.96
C ILE A 47 21.80 4.11 9.08
N LYS A 48 21.41 3.88 10.34
CA LYS A 48 22.23 4.25 11.50
C LYS A 48 23.63 3.63 11.44
N ASN A 49 23.68 2.31 11.19
N ASN A 49 23.70 2.32 11.19
CA ASN A 49 24.95 1.58 11.11
CA ASN A 49 24.97 1.61 11.10
C ASN A 49 25.85 2.09 9.98
C ASN A 49 25.86 2.14 9.99
N PHE A 50 25.24 2.37 8.83
CA PHE A 50 25.95 2.85 7.66
C PHE A 50 26.55 4.23 7.93
N MET A 51 25.75 5.11 8.51
CA MET A 51 26.23 6.44 8.89
C MET A 51 27.38 6.38 9.90
N ARG A 52 27.22 5.60 10.97
CA ARG A 52 28.28 5.48 11.99
C ARG A 52 29.57 4.94 11.35
N ASN A 53 29.41 3.93 10.47
CA ASN A 53 30.54 3.30 9.80
C ASN A 53 31.28 4.24 8.84
N GLU A 54 30.50 5.06 8.12
CA GLU A 54 31.09 6.01 7.17
C GLU A 54 31.87 7.11 7.88
N GLU A 55 31.37 7.54 9.04
CA GLU A 55 31.98 8.60 9.83
C GLU A 55 33.25 8.13 10.54
N LYS A 56 33.51 6.83 10.53
CA LYS A 56 34.73 6.30 11.14
C LYS A 56 35.61 5.48 10.18
N ASN A 57 35.22 5.44 8.91
CA ASN A 57 36.06 4.85 7.87
C ASN A 57 36.44 5.85 6.77
N GLY A 58 36.21 7.13 7.03
CA GLY A 58 36.52 8.19 6.08
C GLY A 58 35.61 8.21 4.86
N TYR A 59 34.34 7.89 5.07
CA TYR A 59 33.33 7.95 3.99
C TYR A 59 33.73 7.15 2.76
N LYS A 60 34.29 5.97 3.03
CA LYS A 60 34.79 5.06 2.01
C LYS A 60 33.73 4.68 0.99
N ASN A 61 32.56 4.27 1.47
CA ASN A 61 31.51 3.78 0.59
C ASN A 61 30.78 4.90 -0.15
N VAL A 62 30.53 6.00 0.56
CA VAL A 62 30.04 7.22 -0.08
C VAL A 62 30.99 7.68 -1.21
N LYS A 63 32.30 7.62 -0.93
CA LYS A 63 33.32 7.95 -1.96
C LYS A 63 33.17 7.07 -3.20
N ASN A 64 33.05 5.75 -3.00
CA ASN A 64 32.79 4.84 -4.10
C ASN A 64 31.52 5.19 -4.88
N ASN A 65 30.44 5.49 -4.14
CA ASN A 65 29.16 5.91 -4.74
C ASN A 65 29.30 7.08 -5.70
N MET A 66 30.10 8.05 -5.30
CA MET A 66 30.23 9.30 -6.04
C MET A 66 31.37 9.32 -7.07
N ASN A 67 32.35 8.43 -6.93
CA ASN A 67 33.44 8.34 -7.89
C ASN A 67 33.11 7.47 -9.10
N ASN A 69 31.34 4.15 -11.14
CA ASN A 69 30.04 4.76 -10.90
C ASN A 69 30.02 6.20 -11.41
N ASN A 70 30.56 6.36 -12.63
CA ASN A 70 31.12 7.64 -13.13
C ASN A 70 30.20 8.87 -13.16
N ASN A 71 30.19 9.59 -12.04
CA ASN A 71 29.26 10.70 -11.82
C ASN A 71 27.80 10.28 -12.06
N ARG A 72 27.51 9.00 -11.79
CA ARG A 72 26.16 8.46 -11.98
C ARG A 72 25.12 9.20 -11.13
N ILE A 73 25.43 9.42 -9.85
CA ILE A 73 24.52 10.18 -8.98
C ILE A 73 24.20 11.56 -9.58
N GLU A 74 25.25 12.30 -9.96
CA GLU A 74 25.10 13.63 -10.51
C GLU A 74 24.29 13.64 -11.80
N ASN A 75 24.53 12.67 -12.68
CA ASN A 75 23.83 12.60 -13.96
C ASN A 75 22.36 12.12 -13.83
N VAL A 76 22.09 11.26 -12.85
CA VAL A 76 20.80 10.54 -12.78
C VAL A 76 19.82 11.09 -11.74
N ILE A 77 20.30 11.35 -10.53
CA ILE A 77 19.39 11.72 -9.42
C ILE A 77 18.80 13.12 -9.60
N LYS A 78 17.48 13.19 -9.48
N LYS A 78 17.49 13.23 -9.47
CA LYS A 78 16.70 14.41 -9.69
CA LYS A 78 16.83 14.53 -9.64
C LYS A 78 16.05 14.96 -8.41
C LYS A 78 16.09 15.00 -8.38
N ILE A 79 16.16 14.21 -7.30
CA ILE A 79 15.54 14.61 -6.04
C ILE A 79 16.58 14.62 -4.93
N GLY A 80 16.76 15.78 -4.32
CA GLY A 80 17.79 16.00 -3.31
C GLY A 80 19.22 15.78 -3.78
N LYS A 81 19.48 16.06 -5.06
CA LYS A 81 20.79 15.82 -5.66
C LYS A 81 21.91 16.58 -4.93
N GLU A 82 21.67 17.87 -4.70
N GLU A 82 21.68 17.86 -4.66
CA GLU A 82 22.61 18.72 -3.97
CA GLU A 82 22.68 18.68 -3.96
C GLU A 82 22.96 18.12 -2.60
C GLU A 82 22.95 18.21 -2.54
N ILE A 83 21.94 17.66 -1.87
CA ILE A 83 22.16 17.02 -0.56
C ILE A 83 23.08 15.80 -0.74
N LEU A 84 22.73 14.90 -1.67
CA LEU A 84 23.52 13.68 -1.90
C LEU A 84 24.97 13.97 -2.31
N LEU A 85 25.20 15.08 -3.00
CA LEU A 85 26.54 15.48 -3.46
C LEU A 85 27.33 16.30 -2.42
N THR A 86 26.74 16.48 -1.23
CA THR A 86 27.41 17.18 -0.11
C THR A 86 28.78 16.58 0.21
N ASP A 87 29.81 17.42 0.22
CA ASP A 87 31.17 16.99 0.58
C ASP A 87 31.19 16.59 2.06
N GLU A 88 31.98 15.57 2.39
CA GLU A 88 31.97 14.98 3.74
C GLU A 88 32.30 15.96 4.88
N GLU A 89 33.02 17.03 4.52
CA GLU A 89 33.30 18.17 5.41
C GLU A 89 32.02 18.88 5.84
N ASN A 90 31.06 18.91 4.93
CA ASN A 90 29.88 19.73 5.13
C ASN A 90 28.62 18.94 5.49
N ILE A 91 28.81 17.71 5.93
CA ILE A 91 27.70 16.83 6.22
C ILE A 91 27.06 17.23 7.55
N GLU A 92 27.86 17.82 8.42
CA GLU A 92 27.33 18.46 9.61
C GLU A 92 26.60 19.79 9.40
N ASN A 93 26.80 20.43 8.26
CA ASN A 93 25.91 21.52 7.89
C ASN A 93 24.50 21.03 7.57
N LEU A 94 24.32 19.72 7.59
CA LEU A 94 23.04 19.12 7.26
C LEU A 94 22.20 18.98 8.51
N SER A 95 20.96 19.42 8.43
CA SER A 95 19.97 19.17 9.47
C SER A 95 19.84 17.66 9.66
N GLU A 96 19.48 17.22 10.87
CA GLU A 96 19.27 15.80 11.11
C GLU A 96 18.40 15.10 10.04
N GLU A 97 17.40 15.81 9.52
N GLU A 97 17.39 15.81 9.54
CA GLU A 97 16.51 15.26 8.47
CA GLU A 97 16.51 15.33 8.47
C GLU A 97 17.20 15.09 7.11
C GLU A 97 17.27 15.06 7.18
N ASP A 98 18.06 16.04 6.76
CA ASP A 98 18.84 15.94 5.53
C ASP A 98 19.90 14.86 5.63
N LYS A 99 20.49 14.70 6.82
CA LYS A 99 21.45 13.64 7.07
C LYS A 99 20.76 12.27 6.89
N PHE A 100 19.54 12.15 7.40
CA PHE A 100 18.84 10.89 7.26
C PHE A 100 18.60 10.57 5.79
N PHE A 101 18.11 11.55 5.02
CA PHE A 101 17.93 11.37 3.59
C PHE A 101 19.27 11.00 2.92
N TYR A 102 20.35 11.65 3.36
CA TYR A 102 21.68 11.43 2.81
C TYR A 102 22.10 9.96 3.00
N PHE A 103 22.08 9.48 4.23
CA PHE A 103 22.56 8.11 4.46
C PHE A 103 21.61 7.01 3.98
N PHE A 104 20.31 7.30 3.97
CA PHE A 104 19.34 6.36 3.39
C PHE A 104 19.64 6.11 1.90
N ASN A 105 19.78 7.17 1.12
CA ASN A 105 20.06 7.04 -0.31
C ASN A 105 21.43 6.38 -0.54
N HIS A 106 22.46 6.87 0.15
CA HIS A 106 23.81 6.33 -0.03
C HIS A 106 23.92 4.89 0.42
N PHE A 107 23.14 4.50 1.43
CA PHE A 107 23.13 3.09 1.82
C PHE A 107 22.62 2.22 0.67
N CYS A 108 21.50 2.65 0.08
CA CYS A 108 20.92 1.96 -1.06
C CYS A 108 21.90 1.92 -2.24
N PHE A 109 22.56 3.06 -2.53
CA PHE A 109 23.48 3.09 -3.67
C PHE A 109 24.65 2.15 -3.44
N TYR A 110 25.16 2.15 -2.20
CA TYR A 110 26.24 1.27 -1.74
C TYR A 110 25.88 -0.20 -1.90
N ILE A 111 24.66 -0.58 -1.51
CA ILE A 111 24.23 -1.96 -1.68
C ILE A 111 24.21 -2.37 -3.18
N ILE A 112 23.60 -1.52 -4.00
CA ILE A 112 23.44 -1.81 -5.42
C ILE A 112 24.81 -1.93 -6.11
N ASN A 113 25.68 -0.95 -5.85
CA ASN A 113 27.02 -0.96 -6.42
C ASN A 113 27.83 -2.19 -6.04
N ASN A 114 27.75 -2.58 -4.78
CA ASN A 114 28.44 -3.75 -4.28
C ASN A 114 27.90 -5.11 -4.71
N THR A 115 26.64 -5.16 -5.17
CA THR A 115 25.99 -6.45 -5.41
C THR A 115 25.46 -6.65 -6.83
N LYS A 116 25.42 -5.58 -7.63
CA LYS A 116 24.80 -5.68 -8.94
C LYS A 116 25.42 -6.71 -9.90
N GLU A 117 26.71 -6.97 -9.80
CA GLU A 117 27.34 -8.03 -10.64
C GLU A 117 26.69 -9.41 -10.47
N TYR A 118 26.07 -9.63 -9.31
CA TYR A 118 25.44 -10.93 -8.97
C TYR A 118 23.92 -10.94 -9.05
N ALA A 119 23.34 -9.83 -9.48
CA ALA A 119 21.90 -9.64 -9.33
C ALA A 119 21.17 -9.75 -10.67
N LEU A 120 20.19 -10.65 -10.75
CA LEU A 120 19.28 -10.71 -11.88
C LEU A 120 18.25 -9.54 -11.82
N ILE A 121 17.88 -9.16 -10.60
CA ILE A 121 16.77 -8.24 -10.38
C ILE A 121 16.87 -7.71 -8.96
N TYR A 122 16.44 -6.46 -8.71
CA TYR A 122 16.28 -5.95 -7.33
C TYR A 122 14.79 -5.86 -6.97
N LYS A 123 14.44 -6.33 -5.76
CA LYS A 123 13.06 -6.22 -5.23
C LYS A 123 13.09 -5.27 -4.04
N MET A 124 12.33 -4.17 -4.13
CA MET A 124 12.30 -3.15 -3.07
C MET A 124 10.95 -3.28 -2.43
N ASN A 125 10.91 -3.58 -1.13
CA ASN A 125 9.61 -3.68 -0.46
C ASN A 125 9.14 -2.33 0.01
N PHE A 126 7.99 -1.92 -0.54
CA PHE A 126 7.43 -0.58 -0.35
C PHE A 126 7.31 -0.20 1.14
N ALA A 127 6.98 -1.19 1.95
CA ALA A 127 6.78 -1.00 3.40
C ALA A 127 7.96 -0.26 4.04
N PHE A 128 9.18 -0.56 3.59
CA PHE A 128 10.38 0.06 4.20
C PHE A 128 10.57 1.52 3.85
N TYR A 129 9.87 1.97 2.82
CA TYR A 129 10.08 3.30 2.29
C TYR A 129 8.99 4.30 2.72
N ILE A 130 7.79 3.83 3.02
CA ILE A 130 6.68 4.75 3.38
C ILE A 130 6.68 5.41 4.81
N PRO A 131 7.32 4.79 5.84
CA PRO A 131 7.02 5.22 7.22
C PRO A 131 7.57 6.61 7.59
N TYR A 132 8.38 7.17 6.69
CA TYR A 132 8.97 8.53 6.91
C TYR A 132 8.22 9.56 6.04
N GLY A 133 7.11 9.15 5.43
CA GLY A 133 6.37 10.02 4.50
C GLY A 133 7.19 10.29 3.25
N SER A 134 7.16 11.56 2.80
CA SER A 134 7.83 11.98 1.57
C SER A 134 9.28 11.58 1.46
N VAL A 135 10.01 11.70 2.58
CA VAL A 135 11.44 11.40 2.63
C VAL A 135 11.78 10.04 2.01
N GLY A 136 11.07 9.01 2.44
CA GLY A 136 11.31 7.64 1.96
C GLY A 136 10.84 7.39 0.52
N ILE A 137 9.76 8.05 0.10
CA ILE A 137 9.24 7.91 -1.26
C ILE A 137 10.21 8.63 -2.23
N ASN A 138 10.74 9.78 -1.80
CA ASN A 138 11.85 10.43 -2.54
C ASN A 138 13.05 9.50 -2.72
N ALA A 139 13.50 8.89 -1.61
CA ALA A 139 14.57 7.89 -1.71
C ALA A 139 14.18 6.74 -2.63
N LEU A 140 12.93 6.27 -2.54
CA LEU A 140 12.49 5.13 -3.38
C LEU A 140 12.56 5.47 -4.88
N LYS A 141 12.14 6.68 -5.19
CA LYS A 141 12.17 7.22 -6.55
C LYS A 141 13.61 7.27 -7.04
N ASN A 142 14.49 7.72 -6.17
CA ASN A 142 15.93 7.77 -6.48
C ASN A 142 16.51 6.38 -6.76
N VAL A 143 16.09 5.40 -5.97
CA VAL A 143 16.58 4.04 -6.12
C VAL A 143 16.18 3.47 -7.49
N PHE A 144 14.92 3.68 -7.87
CA PHE A 144 14.44 3.21 -9.16
C PHE A 144 15.14 3.95 -10.31
N ASP A 145 15.33 5.26 -10.16
CA ASP A 145 16.04 6.09 -11.17
C ASP A 145 17.47 5.54 -11.37
N TYR A 146 18.12 5.25 -10.24
CA TYR A 146 19.48 4.72 -10.25
C TYR A 146 19.57 3.37 -10.97
N LEU A 147 18.70 2.44 -10.58
CA LEU A 147 18.63 1.13 -11.21
C LEU A 147 18.25 1.22 -12.68
N ASN A 148 17.24 2.03 -12.98
CA ASN A 148 16.81 2.21 -14.38
C ASN A 148 17.89 2.81 -15.28
N SER A 149 18.79 3.61 -14.70
CA SER A 149 19.89 4.19 -15.52
C SER A 149 20.89 3.13 -16.01
N MET A 150 20.90 1.96 -15.38
CA MET A 150 21.73 0.83 -15.75
C MET A 150 20.89 -0.27 -16.37
N ASN A 151 19.61 0.05 -16.60
CA ASN A 151 18.65 -0.90 -17.14
C ASN A 151 18.50 -2.21 -16.34
N ILE A 152 18.79 -2.16 -15.03
CA ILE A 152 18.74 -3.40 -14.22
C ILE A 152 17.27 -3.73 -13.86
N PRO A 153 16.84 -5.02 -14.01
CA PRO A 153 15.43 -5.34 -13.71
C PRO A 153 15.04 -5.00 -12.28
N THR A 154 13.81 -4.53 -12.12
CA THR A 154 13.31 -4.10 -10.81
C THR A 154 11.92 -4.65 -10.49
N MET A 155 11.62 -4.69 -9.20
CA MET A 155 10.30 -5.07 -8.74
C MET A 155 9.98 -4.24 -7.51
N LEU A 156 8.74 -3.78 -7.42
CA LEU A 156 8.27 -3.14 -6.18
C LEU A 156 7.35 -4.16 -5.49
N ASP A 157 7.76 -4.57 -4.29
CA ASP A 157 6.98 -5.53 -3.51
C ASP A 157 6.07 -4.70 -2.59
N MET A 158 4.82 -4.57 -3.00
CA MET A 158 3.85 -3.75 -2.30
C MET A 158 2.52 -4.50 -1.97
N LYS A 159 2.38 -5.69 -2.55
CA LYS A 159 1.21 -6.56 -2.32
C LYS A 159 -0.08 -5.74 -2.49
N ILE A 160 -0.19 -5.06 -3.63
CA ILE A 160 -1.28 -4.12 -3.83
C ILE A 160 -2.61 -4.81 -3.98
N ASN A 161 -3.65 -4.11 -3.56
CA ASN A 161 -5.00 -4.52 -3.82
C ASN A 161 -6.00 -3.44 -3.59
N ASP A 162 -6.92 -3.35 -4.57
CA ASP A 162 -8.17 -2.62 -4.42
C ASP A 162 -9.11 -2.99 -5.60
N ILE A 163 -10.23 -2.27 -5.69
CA ILE A 163 -11.18 -2.44 -6.80
C ILE A 163 -10.52 -1.95 -8.11
N GLY A 164 -10.97 -2.46 -9.25
CA GLY A 164 -10.30 -2.11 -10.53
C GLY A 164 -10.00 -0.62 -10.78
N ASN A 165 -11.00 0.23 -10.66
CA ASN A 165 -10.76 1.62 -11.04
C ASN A 165 -9.75 2.30 -10.12
N THR A 166 -9.80 1.91 -8.85
CA THR A 166 -8.89 2.42 -7.84
C THR A 166 -7.43 1.92 -7.98
N VAL A 167 -7.28 0.63 -8.27
CA VAL A 167 -5.94 0.06 -8.50
C VAL A 167 -5.17 0.69 -9.65
N LYS A 168 -5.86 1.33 -10.61
CA LYS A 168 -5.15 2.09 -11.67
C LYS A 168 -4.15 3.11 -11.07
N ASN A 169 -4.48 3.63 -9.89
CA ASN A 169 -3.58 4.56 -9.18
C ASN A 169 -2.27 3.89 -8.82
N TYR A 170 -2.35 2.63 -8.39
CA TYR A 170 -1.14 1.84 -8.14
C TYR A 170 -0.37 1.55 -9.42
N ARG A 171 -1.09 1.22 -10.49
CA ARG A 171 -0.43 1.03 -11.78
C ARG A 171 0.40 2.27 -12.17
N LYS A 172 -0.20 3.46 -12.06
CA LYS A 172 0.49 4.73 -12.30
C LYS A 172 1.72 4.92 -11.40
N PHE A 173 1.53 4.76 -10.09
CA PHE A 173 2.67 4.94 -9.17
C PHE A 173 3.84 4.01 -9.55
N ILE A 174 3.52 2.71 -9.66
CA ILE A 174 4.53 1.68 -9.87
C ILE A 174 5.16 1.74 -11.27
N PHE A 175 4.33 1.77 -12.30
CA PHE A 175 4.83 1.57 -13.67
C PHE A 175 5.07 2.85 -14.47
N GLU A 176 4.43 3.95 -14.06
CA GLU A 176 4.61 5.23 -14.73
C GLU A 176 5.53 6.18 -13.95
N TYR A 177 5.32 6.25 -12.63
CA TYR A 177 6.15 7.11 -11.79
C TYR A 177 7.51 6.50 -11.46
N LEU A 178 7.52 5.40 -10.71
CA LEU A 178 8.76 4.70 -10.41
C LEU A 178 9.39 4.04 -11.65
N LYS A 179 8.56 3.65 -12.62
CA LYS A 179 8.98 2.92 -13.82
C LYS A 179 9.63 1.58 -13.42
N SER A 180 9.01 0.89 -12.48
CA SER A 180 9.36 -0.48 -12.16
C SER A 180 9.00 -1.41 -13.34
N ASP A 181 9.72 -2.53 -13.46
CA ASP A 181 9.36 -3.56 -14.44
C ASP A 181 8.23 -4.45 -13.91
N SER A 182 8.15 -4.55 -12.59
CA SER A 182 7.19 -5.50 -12.00
C SER A 182 6.72 -5.12 -10.58
N CYS A 183 5.69 -5.81 -10.10
CA CYS A 183 5.26 -5.62 -8.70
C CYS A 183 4.60 -6.89 -8.17
N THR A 184 4.34 -6.91 -6.85
CA THR A 184 3.56 -7.99 -6.25
C THR A 184 2.11 -7.51 -6.00
N ILE A 185 1.20 -8.46 -6.08
CA ILE A 185 -0.25 -8.19 -6.01
C ILE A 185 -0.93 -9.26 -5.13
N ASN A 186 -1.93 -8.80 -4.37
CA ASN A 186 -2.74 -9.70 -3.57
C ASN A 186 -4.13 -9.73 -4.21
N VAL A 187 -4.47 -10.84 -4.85
CA VAL A 187 -5.77 -10.95 -5.57
C VAL A 187 -6.92 -11.55 -4.74
N TYR A 188 -6.78 -11.57 -3.42
CA TYR A 188 -7.88 -12.14 -2.64
C TYR A 188 -9.27 -11.47 -2.91
N MET A 189 -9.27 -10.17 -3.21
CA MET A 189 -10.51 -9.45 -3.54
C MET A 189 -11.16 -10.00 -4.82
N GLY A 190 -10.33 -10.46 -5.75
CA GLY A 190 -10.76 -10.90 -7.07
C GLY A 190 -9.60 -10.79 -8.05
N THR A 191 -9.68 -11.54 -9.16
CA THR A 191 -8.66 -11.45 -10.20
C THR A 191 -8.91 -10.35 -11.23
N SER A 192 -10.14 -9.82 -11.27
CA SER A 192 -10.48 -8.70 -12.19
C SER A 192 -9.53 -7.49 -12.05
N MET A 193 -9.05 -7.21 -10.82
CA MET A 193 -8.07 -6.14 -10.64
C MET A 193 -6.82 -6.26 -11.56
N LEU A 194 -6.45 -7.47 -11.91
CA LEU A 194 -5.29 -7.70 -12.78
C LEU A 194 -5.33 -6.92 -14.10
N LYS A 195 -6.52 -6.81 -14.66
CA LYS A 195 -6.73 -6.06 -15.90
C LYS A 195 -6.39 -4.56 -15.79
N ASP A 196 -6.52 -4.00 -14.58
CA ASP A 196 -6.21 -2.58 -14.34
C ASP A 196 -4.81 -2.31 -13.77
N ILE A 197 -4.05 -3.37 -13.51
CA ILE A 197 -2.69 -3.23 -13.04
C ILE A 197 -1.70 -3.61 -14.14
N CYS A 198 -1.96 -4.74 -14.78
CA CYS A 198 -1.10 -5.33 -15.81
C CYS A 198 -1.34 -4.86 -17.26
N PHE A 199 -2.38 -4.06 -17.45
CA PHE A 199 -2.69 -3.49 -18.78
C PHE A 199 -3.16 -2.05 -18.66
N ASP A 200 -2.74 -1.21 -19.59
CA ASP A 200 -3.23 0.15 -19.66
C ASP A 200 -3.78 0.37 -21.09
N TYR A 201 -5.11 0.34 -21.24
CA TYR A 201 -5.70 0.50 -22.58
C TYR A 201 -5.26 1.79 -23.28
N GLU A 202 -5.40 2.92 -22.59
CA GLU A 202 -5.14 4.25 -23.16
C GLU A 202 -3.72 4.36 -23.72
N LYS A 203 -2.75 3.73 -23.04
CA LYS A 203 -1.37 3.74 -23.52
C LYS A 203 -0.98 2.51 -24.34
N ASN A 204 -1.84 1.51 -24.39
CA ASN A 204 -1.53 0.21 -25.00
C ASN A 204 -0.21 -0.37 -24.47
N LYS A 205 -0.13 -0.45 -23.14
CA LYS A 205 1.05 -0.96 -22.46
C LYS A 205 0.65 -2.09 -21.50
N TYR A 206 1.55 -3.06 -21.40
CA TYR A 206 1.40 -4.20 -20.50
C TYR A 206 2.53 -4.18 -19.49
N TYR A 207 2.27 -4.76 -18.32
CA TYR A 207 3.24 -4.73 -17.21
C TYR A 207 3.18 -6.07 -16.50
N SER A 208 4.32 -6.49 -15.96
CA SER A 208 4.41 -7.82 -15.33
C SER A 208 4.24 -7.76 -13.82
N ALA A 209 3.81 -8.88 -13.26
CA ALA A 209 3.59 -8.92 -11.81
C ALA A 209 3.58 -10.34 -11.29
N TYR A 210 3.73 -10.44 -9.96
CA TYR A 210 3.67 -11.71 -9.23
C TYR A 210 2.55 -11.60 -8.21
N VAL A 211 1.65 -12.58 -8.23
CA VAL A 211 0.47 -12.65 -7.39
C VAL A 211 0.79 -13.54 -6.15
N LEU A 212 0.38 -13.15 -4.95
CA LEU A 212 0.60 -13.98 -3.76
C LEU A 212 -0.10 -15.32 -3.90
N ILE A 213 0.67 -16.41 -3.80
CA ILE A 213 0.06 -17.76 -3.87
C ILE A 213 0.28 -18.53 -2.54
N LYS A 214 1.53 -18.68 -2.11
CA LYS A 214 1.81 -19.32 -0.82
C LYS A 214 2.89 -18.51 -0.14
N THR A 215 2.51 -17.82 0.94
CA THR A 215 3.43 -16.89 1.62
C THR A 215 4.28 -17.55 2.72
N THR A 216 5.33 -16.84 3.16
CA THR A 216 6.36 -17.46 4.01
C THR A 216 5.98 -17.51 5.49
N ASN A 217 5.02 -16.68 5.88
CA ASN A 217 4.68 -16.56 7.30
C ASN A 217 4.11 -17.87 7.82
N LYS A 218 4.41 -18.15 9.09
CA LYS A 218 4.10 -19.42 9.69
C LYS A 218 2.63 -19.76 9.58
N ASP A 219 1.76 -18.76 9.72
CA ASP A 219 0.33 -19.03 9.68
C ASP A 219 -0.32 -18.92 8.29
N SER A 220 0.49 -18.98 7.22
CA SER A 220 -0.05 -18.84 5.85
C SER A 220 -1.00 -19.97 5.45
N PHE A 221 -0.95 -21.08 6.19
CA PHE A 221 -1.83 -22.21 5.89
C PHE A 221 -3.34 -21.96 6.17
N ILE A 222 -3.65 -21.03 7.07
N ILE A 222 -3.64 -21.00 7.03
CA ILE A 222 -5.04 -20.84 7.53
CA ILE A 222 -5.00 -20.79 7.56
C ILE A 222 -6.01 -20.64 6.37
C ILE A 222 -6.06 -20.44 6.50
N PHE A 223 -5.62 -19.79 5.43
CA PHE A 223 -6.48 -19.47 4.30
C PHE A 223 -5.96 -20.13 3.04
N GLN A 224 -4.64 -20.15 2.87
CA GLN A 224 -4.06 -20.65 1.61
C GLN A 224 -4.18 -22.17 1.39
N ASN A 225 -4.23 -22.92 2.50
CA ASN A 225 -4.32 -24.38 2.42
C ASN A 225 -5.62 -24.96 2.96
N GLU A 226 -6.13 -24.38 4.04
CA GLU A 226 -7.30 -24.94 4.70
C GLU A 226 -8.58 -24.68 3.94
N LEU A 227 -8.66 -23.51 3.30
CA LEU A 227 -9.78 -23.22 2.40
C LEU A 227 -9.63 -23.99 1.11
N SER A 228 -10.74 -24.38 0.51
CA SER A 228 -10.68 -25.18 -0.71
C SER A 228 -11.99 -25.11 -1.49
N ILE A 229 -11.93 -25.55 -2.75
CA ILE A 229 -13.16 -25.90 -3.43
C ILE A 229 -13.09 -27.40 -3.63
N ASN A 230 -13.94 -28.12 -2.89
CA ASN A 230 -13.88 -29.59 -2.80
C ASN A 230 -12.41 -30.02 -2.61
N ASP A 231 -11.82 -30.71 -3.57
CA ASP A 231 -10.46 -31.25 -3.32
C ASP A 231 -9.26 -30.34 -3.67
N LYS A 232 -9.53 -29.09 -4.05
CA LYS A 232 -8.47 -28.22 -4.53
C LYS A 232 -8.23 -27.08 -3.53
N GLN A 233 -7.02 -27.00 -2.97
CA GLN A 233 -6.66 -25.99 -1.95
C GLN A 233 -6.68 -24.59 -2.54
N ALA A 234 -6.94 -23.61 -1.68
CA ALA A 234 -7.07 -22.21 -2.09
C ALA A 234 -5.94 -21.74 -2.99
N TYR A 235 -4.70 -22.10 -2.65
CA TYR A 235 -3.56 -21.54 -3.37
C TYR A 235 -3.54 -22.01 -4.81
N ILE A 236 -4.02 -23.25 -5.04
CA ILE A 236 -4.19 -23.81 -6.39
C ILE A 236 -5.29 -23.11 -7.18
N VAL A 237 -6.47 -22.98 -6.59
CA VAL A 237 -7.61 -22.22 -7.11
C VAL A 237 -7.15 -20.80 -7.51
N MET A 238 -6.42 -20.13 -6.62
CA MET A 238 -5.99 -18.76 -6.88
C MET A 238 -4.98 -18.72 -8.05
N ALA A 239 -4.05 -19.66 -8.08
CA ALA A 239 -3.10 -19.78 -9.20
C ALA A 239 -3.86 -20.00 -10.53
N GLU A 240 -4.86 -20.87 -10.52
CA GLU A 240 -5.69 -21.12 -11.73
C GLU A 240 -6.44 -19.89 -12.22
N GLU A 241 -7.10 -19.22 -11.28
CA GLU A 241 -7.85 -18.01 -11.60
C GLU A 241 -6.92 -16.92 -12.13
N THR A 242 -5.73 -16.83 -11.55
CA THR A 242 -4.72 -15.86 -11.99
C THR A 242 -4.31 -16.11 -13.46
N GLN A 243 -3.99 -17.38 -13.74
CA GLN A 243 -3.62 -17.79 -15.09
C GLN A 243 -4.75 -17.55 -16.08
N LYS A 244 -5.98 -17.85 -15.67
CA LYS A 244 -7.21 -17.57 -16.47
C LYS A 244 -7.25 -16.11 -16.89
N MET A 245 -7.05 -15.22 -15.91
CA MET A 245 -7.02 -13.80 -16.18
C MET A 245 -5.89 -13.40 -17.14
N ALA A 246 -4.68 -13.94 -16.91
CA ALA A 246 -3.52 -13.61 -17.73
C ALA A 246 -3.77 -14.01 -19.18
N THR A 247 -4.39 -15.17 -19.36
CA THR A 247 -4.76 -15.67 -20.69
C THR A 247 -5.77 -14.71 -21.33
N ASP A 248 -6.80 -14.34 -20.56
CA ASP A 248 -7.84 -13.42 -21.06
C ASP A 248 -7.23 -12.11 -21.49
N LEU A 249 -6.25 -11.64 -20.72
CA LEU A 249 -5.61 -10.37 -21.00
C LEU A 249 -4.60 -10.40 -22.16
N LYS A 250 -4.24 -11.61 -22.60
CA LYS A 250 -3.21 -11.85 -23.64
C LYS A 250 -1.85 -11.27 -23.26
N ILE A 251 -1.53 -11.34 -21.97
N ILE A 251 -1.53 -11.35 -21.97
CA ILE A 251 -0.30 -10.76 -21.46
CA ILE A 251 -0.30 -10.79 -21.42
C ILE A 251 0.98 -11.39 -22.08
C ILE A 251 0.97 -11.39 -22.07
N ASP A 252 1.01 -12.71 -22.17
CA ASP A 252 2.18 -13.44 -22.68
C ASP A 252 2.56 -13.06 -24.12
N GLN A 253 1.54 -12.80 -24.95
CA GLN A 253 1.69 -12.38 -26.35
C GLN A 253 2.36 -11.02 -26.43
N ASN A 254 2.27 -10.27 -25.32
CA ASN A 254 2.82 -8.92 -25.26
C ASN A 254 4.12 -8.82 -24.46
N ASN A 255 4.76 -9.96 -24.26
CA ASN A 255 6.12 -10.07 -23.72
C ASN A 255 6.20 -9.67 -22.24
N GLU A 256 5.08 -9.88 -21.57
CA GLU A 256 4.99 -9.66 -20.14
C GLU A 256 4.38 -10.91 -19.49
N PHE A 257 4.24 -10.92 -18.16
CA PHE A 257 3.72 -12.11 -17.49
C PHE A 257 2.99 -11.75 -16.18
N ILE A 258 2.10 -12.63 -15.77
CA ILE A 258 1.58 -12.59 -14.39
C ILE A 258 2.02 -13.91 -13.77
N GLY A 259 2.84 -13.81 -12.72
CA GLY A 259 3.45 -14.99 -12.11
C GLY A 259 2.93 -15.17 -10.69
N PHE A 260 3.70 -15.94 -9.91
CA PHE A 260 3.26 -16.41 -8.61
C PHE A 260 4.36 -16.22 -7.57
N VAL A 261 3.95 -15.79 -6.38
CA VAL A 261 4.83 -15.77 -5.22
C VAL A 261 4.63 -17.05 -4.40
N VAL A 262 5.70 -17.83 -4.27
CA VAL A 262 5.66 -19.10 -3.52
C VAL A 262 6.86 -19.17 -2.59
N GLY A 263 6.58 -19.23 -1.28
CA GLY A 263 7.65 -19.19 -0.28
C GLY A 263 8.72 -20.27 -0.48
N SER A 264 9.96 -19.93 -0.18
CA SER A 264 11.06 -20.89 -0.34
C SER A 264 10.96 -22.03 0.68
N ASN A 265 10.17 -21.81 1.74
CA ASN A 265 9.89 -22.81 2.77
C ASN A 265 8.67 -23.68 2.45
N ALA A 266 8.05 -23.44 1.30
CA ALA A 266 6.85 -24.14 0.90
C ALA A 266 7.15 -25.12 -0.24
N PHE A 267 8.07 -26.06 0.04
CA PHE A 267 8.53 -27.08 -0.95
C PHE A 267 7.40 -27.83 -1.65
N GLU A 268 6.42 -28.28 -0.86
CA GLU A 268 5.28 -29.04 -1.38
C GLU A 268 4.47 -28.23 -2.40
N GLU A 269 4.11 -27.00 -2.05
CA GLU A 269 3.33 -26.12 -2.92
C GLU A 269 4.13 -25.72 -4.16
N MET A 270 5.42 -25.46 -3.98
CA MET A 270 6.31 -25.11 -5.10
C MET A 270 6.30 -26.22 -6.17
N LYS A 271 6.43 -27.46 -5.73
CA LYS A 271 6.32 -28.62 -6.64
C LYS A 271 4.98 -28.67 -7.39
N ILE A 272 3.86 -28.51 -6.67
CA ILE A 272 2.52 -28.52 -7.27
C ILE A 272 2.33 -27.38 -8.28
N ILE A 273 2.79 -26.20 -7.90
CA ILE A 273 2.68 -25.03 -8.78
C ILE A 273 3.53 -25.18 -10.05
N ARG A 274 4.79 -25.59 -9.89
CA ARG A 274 5.67 -25.78 -11.06
C ARG A 274 5.18 -26.92 -11.98
N ASN A 275 4.71 -28.01 -11.39
CA ASN A 275 4.14 -29.10 -12.19
C ASN A 275 2.89 -28.68 -12.96
N LYS A 276 1.98 -27.96 -12.31
CA LYS A 276 0.74 -27.49 -12.94
C LYS A 276 0.94 -26.32 -13.91
N PHE A 277 1.92 -25.47 -13.62
CA PHE A 277 2.18 -24.28 -14.43
C PHE A 277 3.65 -24.30 -14.88
N PRO A 278 3.99 -25.20 -15.80
CA PRO A 278 5.40 -25.46 -16.07
C PRO A 278 6.13 -24.24 -16.62
N ASP A 279 5.40 -23.30 -17.24
CA ASP A 279 6.02 -22.14 -17.89
C ASP A 279 5.84 -20.83 -17.10
N SER A 280 5.37 -20.93 -15.87
CA SER A 280 5.06 -19.74 -15.05
C SER A 280 6.31 -19.11 -14.47
N TYR A 281 6.24 -17.80 -14.24
CA TYR A 281 7.30 -17.08 -13.54
C TYR A 281 6.95 -17.12 -12.08
N ILE A 282 7.93 -17.52 -11.27
CA ILE A 282 7.74 -17.66 -9.83
C ILE A 282 8.77 -16.79 -9.10
N LEU A 283 8.32 -16.15 -8.02
CA LEU A 283 9.19 -15.46 -7.12
C LEU A 283 9.17 -16.22 -5.81
N SER A 284 10.33 -16.56 -5.28
CA SER A 284 10.41 -17.27 -4.00
C SER A 284 11.22 -16.51 -2.96
N PRO A 285 10.53 -15.85 -2.04
CA PRO A 285 11.19 -15.24 -0.88
C PRO A 285 11.34 -16.25 0.27
N GLY A 286 12.25 -15.97 1.19
CA GLY A 286 12.46 -16.79 2.36
C GLY A 286 13.90 -17.15 2.66
N ILE A 287 14.65 -17.52 1.63
CA ILE A 287 16.07 -17.91 1.82
C ILE A 287 16.93 -16.79 2.46
N ASP A 293 14.78 -24.02 2.56
CA ASP A 293 16.01 -24.60 2.05
C ASP A 293 16.17 -24.26 0.56
N LEU A 294 17.40 -23.94 0.17
CA LEU A 294 17.65 -23.47 -1.19
C LEU A 294 17.63 -24.61 -2.22
N TYR A 295 18.24 -25.74 -1.87
CA TYR A 295 18.24 -26.89 -2.77
C TYR A 295 16.84 -27.36 -3.13
N LYS A 296 16.01 -27.58 -2.12
CA LYS A 296 14.66 -28.08 -2.35
C LYS A 296 13.78 -27.10 -3.12
N THR A 297 13.97 -25.81 -2.85
CA THR A 297 13.24 -24.77 -3.58
C THR A 297 13.56 -24.83 -5.07
N LEU A 298 14.86 -24.82 -5.40
CA LEU A 298 15.29 -24.82 -6.79
C LEU A 298 14.96 -26.15 -7.49
N LYS A 299 15.10 -27.25 -6.76
CA LYS A 299 14.75 -28.56 -7.30
C LYS A 299 13.26 -28.66 -7.63
N ASN A 300 12.43 -28.30 -6.64
CA ASN A 300 10.97 -28.40 -6.78
C ASN A 300 10.41 -27.38 -7.77
N GLY A 301 11.03 -26.22 -7.83
CA GLY A 301 10.49 -25.13 -8.66
C GLY A 301 11.28 -24.87 -9.94
N TYR A 302 12.22 -25.78 -10.23
CA TYR A 302 13.13 -25.65 -11.38
C TYR A 302 12.49 -25.27 -12.71
N ASN A 303 13.09 -24.26 -13.35
CA ASN A 303 12.90 -24.01 -14.77
C ASN A 303 14.25 -23.84 -15.44
N LYS A 304 14.42 -24.46 -16.60
CA LYS A 304 15.72 -24.34 -17.27
C LYS A 304 16.03 -22.88 -17.66
N ASP A 305 14.99 -22.05 -17.80
CA ASP A 305 15.14 -20.58 -17.91
C ASP A 305 15.13 -20.06 -16.47
N TYR A 306 16.30 -19.69 -15.95
CA TYR A 306 16.51 -19.45 -14.52
C TYR A 306 15.66 -18.29 -14.01
N GLU A 307 15.42 -17.31 -14.87
CA GLU A 307 14.66 -16.12 -14.46
C GLU A 307 13.23 -16.47 -14.03
N LYS A 308 12.78 -17.68 -14.39
CA LYS A 308 11.41 -18.12 -14.09
C LYS A 308 11.24 -18.65 -12.65
N LEU A 309 12.33 -18.66 -11.91
CA LEU A 309 12.30 -18.91 -10.49
C LEU A 309 13.29 -18.00 -9.80
N LEU A 310 12.80 -16.86 -9.38
CA LEU A 310 13.61 -15.89 -8.66
C LEU A 310 13.82 -16.36 -7.23
N ILE A 311 15.07 -16.31 -6.78
CA ILE A 311 15.41 -16.55 -5.36
C ILE A 311 15.74 -15.22 -4.66
N ASN A 312 14.84 -14.78 -3.80
CA ASN A 312 15.04 -13.48 -3.16
C ASN A 312 15.88 -13.66 -1.88
N VAL A 313 16.96 -12.90 -1.82
CA VAL A 313 17.77 -12.74 -0.59
C VAL A 313 17.94 -11.25 -0.25
N GLY A 314 17.46 -10.85 0.93
CA GLY A 314 17.43 -9.45 1.34
C GLY A 314 18.38 -9.27 2.51
N ARG A 315 17.85 -9.45 3.72
CA ARG A 315 18.56 -9.20 4.97
C ARG A 315 19.92 -9.92 5.10
N ALA A 316 20.02 -11.17 4.62
CA ALA A 316 21.29 -11.92 4.63
C ALA A 316 22.39 -11.18 3.85
N ILE A 317 21.99 -10.35 2.90
CA ILE A 317 22.93 -9.52 2.15
C ILE A 317 23.08 -8.10 2.73
N THR A 318 21.94 -7.45 2.96
CA THR A 318 21.97 -6.03 3.34
C THR A 318 22.47 -5.82 4.77
N LYS A 319 22.33 -6.83 5.63
CA LYS A 319 22.82 -6.77 7.01
C LYS A 319 24.18 -7.46 7.20
N SER A 320 24.77 -7.95 6.12
CA SER A 320 26.09 -8.58 6.15
C SER A 320 27.20 -7.54 6.32
N PRO A 321 28.26 -7.88 7.08
CA PRO A 321 29.39 -6.92 7.13
C PRO A 321 30.01 -6.68 5.74
N ASN A 322 29.85 -7.64 4.83
CA ASN A 322 30.36 -7.52 3.48
C ASN A 322 29.28 -7.96 2.47
N PRO A 323 28.41 -7.01 2.04
CA PRO A 323 27.33 -7.38 1.10
C PRO A 323 27.83 -7.98 -0.23
N LYS A 324 28.99 -7.53 -0.75
CA LYS A 324 29.55 -8.13 -1.97
C LYS A 324 29.85 -9.63 -1.81
N LYS A 325 30.57 -9.96 -0.75
CA LYS A 325 30.95 -11.35 -0.46
C LYS A 325 29.71 -12.22 -0.18
N SER A 326 28.77 -11.67 0.59
CA SER A 326 27.53 -12.39 0.91
C SER A 326 26.71 -12.67 -0.36
N SER A 327 26.54 -11.66 -1.23
CA SER A 327 25.85 -11.86 -2.49
C SER A 327 26.61 -12.90 -3.36
N GLU A 328 27.93 -12.77 -3.41
CA GLU A 328 28.77 -13.73 -4.12
C GLU A 328 28.54 -15.17 -3.61
N SER A 329 28.41 -15.28 -2.28
CA SER A 329 28.18 -16.56 -1.63
C SER A 329 26.90 -17.21 -2.15
N TYR A 330 25.79 -16.47 -2.18
CA TYR A 330 24.53 -17.00 -2.68
C TYR A 330 24.62 -17.32 -4.17
N TYR A 331 25.26 -16.43 -4.91
CA TYR A 331 25.53 -16.64 -6.33
C TYR A 331 26.22 -18.02 -6.58
N ASN A 332 27.28 -18.30 -5.84
CA ASN A 332 28.02 -19.56 -5.97
C ASN A 332 27.21 -20.78 -5.51
N GLN A 333 26.51 -20.62 -4.39
CA GLN A 333 25.62 -21.67 -3.88
C GLN A 333 24.63 -22.08 -4.97
N ILE A 334 24.02 -21.09 -5.65
CA ILE A 334 23.07 -21.32 -6.73
C ILE A 334 23.74 -22.03 -7.94
N ILE A 335 24.94 -21.60 -8.26
CA ILE A 335 25.72 -22.22 -9.35
C ILE A 335 25.88 -23.72 -9.09
N GLN A 336 26.29 -24.04 -7.87
CA GLN A 336 26.53 -25.42 -7.44
C GLN A 336 25.24 -26.27 -7.44
N ILE A 337 24.14 -25.72 -6.90
CA ILE A 337 22.84 -26.39 -6.96
C ILE A 337 22.41 -26.71 -8.41
N PHE A 338 22.53 -25.74 -9.30
CA PHE A 338 22.21 -26.00 -10.71
C PHE A 338 23.09 -27.11 -11.29
N LYS A 339 24.35 -27.16 -10.89
CA LYS A 339 25.24 -28.24 -11.34
C LYS A 339 24.67 -29.59 -10.91
N ASP A 340 24.26 -29.67 -9.64
CA ASP A 340 23.69 -30.88 -9.05
C ASP A 340 22.39 -31.30 -9.75
N ILE A 341 21.45 -30.36 -9.88
CA ILE A 341 20.16 -30.62 -10.54
C ILE A 341 20.32 -31.02 -12.02
N GLU A 342 21.12 -30.26 -12.75
CA GLU A 342 21.26 -30.48 -14.19
C GLU A 342 22.31 -31.57 -14.45
N ASN A 343 22.11 -32.74 -13.85
CA ASN A 343 23.02 -33.90 -13.92
C ASN A 343 24.50 -33.55 -13.89
N HIS B 20 -8.94 6.66 23.42
CA HIS B 20 -9.22 5.35 22.78
C HIS B 20 -10.37 5.46 21.79
N PHE B 21 -10.21 4.74 20.69
CA PHE B 21 -11.07 4.95 19.53
C PHE B 21 -12.55 4.60 19.73
N LYS B 22 -12.85 3.55 20.50
CA LYS B 22 -14.28 3.22 20.76
C LYS B 22 -15.01 4.42 21.40
N THR B 23 -14.36 5.08 22.35
CA THR B 23 -14.97 6.25 23.03
C THR B 23 -15.03 7.49 22.13
N LYS B 24 -13.95 7.70 21.38
CA LYS B 24 -13.87 8.83 20.44
C LYS B 24 -14.97 8.69 19.39
N LEU B 25 -15.10 7.49 18.84
CA LEU B 25 -16.12 7.20 17.84
C LEU B 25 -17.53 7.34 18.45
N LYS B 26 -17.75 6.78 19.64
CA LYS B 26 -19.03 6.96 20.38
C LYS B 26 -19.39 8.44 20.57
N ASN B 27 -18.44 9.20 21.09
CA ASN B 27 -18.62 10.61 21.40
C ASN B 27 -18.94 11.40 20.13
N ARG B 28 -18.23 11.09 19.05
CA ARG B 28 -18.53 11.74 17.75
C ARG B 28 -19.94 11.40 17.28
N ARG B 29 -20.34 10.13 17.38
N ARG B 29 -20.32 10.13 17.42
CA ARG B 29 -21.66 9.70 16.95
CA ARG B 29 -21.63 9.62 17.01
C ARG B 29 -22.71 10.50 17.71
C ARG B 29 -22.78 10.28 17.77
N ASN B 30 -22.51 10.70 19.00
CA ASN B 30 -23.47 11.47 19.80
C ASN B 30 -23.60 12.89 19.26
N GLU B 31 -22.48 13.44 18.81
CA GLU B 31 -22.39 14.82 18.38
C GLU B 31 -23.05 15.00 17.00
N VAL B 32 -22.74 14.10 16.07
CA VAL B 32 -23.28 14.22 14.70
C VAL B 32 -24.53 13.36 14.39
N ASN B 33 -24.81 12.41 15.28
N ASN B 33 -24.85 12.41 15.28
CA ASN B 33 -26.02 11.58 15.21
CA ASN B 33 -26.10 11.64 15.14
C ASN B 33 -26.20 10.88 13.85
C ASN B 33 -26.22 10.87 13.82
N THR B 34 -25.12 10.26 13.38
CA THR B 34 -25.11 9.52 12.11
C THR B 34 -23.98 8.48 12.07
N CYS B 35 -24.08 7.62 11.08
CA CYS B 35 -23.07 6.60 10.76
C CYS B 35 -22.36 6.93 9.44
N LEU B 36 -22.58 8.15 8.93
CA LEU B 36 -22.02 8.54 7.63
C LEU B 36 -20.51 8.64 7.73
N CYS B 37 -19.85 7.87 6.86
CA CYS B 37 -18.41 7.89 6.70
C CYS B 37 -18.12 8.56 5.36
N ILE B 38 -17.44 9.71 5.40
CA ILE B 38 -17.15 10.44 4.14
C ILE B 38 -15.81 10.00 3.52
N GLY B 39 -15.88 9.49 2.30
CA GLY B 39 -14.68 9.00 1.59
C GLY B 39 -14.03 10.18 0.88
N LEU B 40 -12.75 10.42 1.15
CA LEU B 40 -12.05 11.53 0.57
C LEU B 40 -10.93 10.97 -0.35
N ASP B 41 -11.31 10.76 -1.61
CA ASP B 41 -10.48 10.09 -2.60
C ASP B 41 -10.31 11.03 -3.82
N PRO B 42 -9.49 12.09 -3.67
CA PRO B 42 -9.42 13.08 -4.75
C PRO B 42 -8.68 12.54 -5.96
N ASP B 43 -9.27 12.73 -7.14
CA ASP B 43 -8.57 12.29 -8.37
C ASP B 43 -8.16 13.49 -9.27
N GLU B 44 -7.46 13.21 -10.37
CA GLU B 44 -7.07 14.31 -11.29
C GLU B 44 -8.22 15.18 -11.76
N ASP B 45 -9.38 14.57 -12.04
CA ASP B 45 -10.59 15.28 -12.48
C ASP B 45 -10.99 16.28 -11.41
N ASP B 46 -11.04 15.80 -10.16
CA ASP B 46 -11.51 16.64 -9.04
C ASP B 46 -10.66 17.90 -8.90
N ILE B 47 -9.34 17.74 -8.95
N ILE B 47 -9.34 17.74 -8.95
CA ILE B 47 -8.42 18.85 -8.73
CA ILE B 47 -8.41 18.84 -8.73
C ILE B 47 -8.47 19.82 -9.91
C ILE B 47 -8.42 19.81 -9.91
N LYS B 48 -8.46 19.26 -11.13
CA LYS B 48 -8.62 20.04 -12.36
C LYS B 48 -9.87 20.91 -12.31
N ASN B 49 -11.00 20.30 -11.95
N ASN B 49 -11.00 20.30 -12.00
CA ASN B 49 -12.30 20.96 -11.84
CA ASN B 49 -12.27 21.03 -11.87
C ASN B 49 -12.34 22.01 -10.73
C ASN B 49 -12.18 22.08 -10.79
N PHE B 50 -11.71 21.70 -9.61
CA PHE B 50 -11.64 22.61 -8.48
C PHE B 50 -10.84 23.85 -8.88
N MET B 51 -9.68 23.62 -9.49
CA MET B 51 -8.83 24.69 -9.99
C MET B 51 -9.56 25.61 -10.98
N ARG B 52 -10.18 25.04 -12.01
N ARG B 52 -10.15 25.01 -12.03
CA ARG B 52 -10.90 25.87 -12.99
CA ARG B 52 -10.97 25.75 -13.01
C ARG B 52 -12.10 26.61 -12.39
C ARG B 52 -12.01 26.62 -12.33
N ASN B 53 -12.80 25.97 -11.46
CA ASN B 53 -13.91 26.60 -10.76
C ASN B 53 -13.45 27.78 -9.89
N GLU B 54 -12.37 27.57 -9.14
CA GLU B 54 -11.83 28.66 -8.29
C GLU B 54 -11.35 29.84 -9.10
N GLU B 55 -10.70 29.58 -10.22
CA GLU B 55 -10.21 30.66 -11.05
C GLU B 55 -11.35 31.53 -11.59
N LYS B 56 -12.57 31.03 -11.45
CA LYS B 56 -13.72 31.60 -12.11
C LYS B 56 -14.78 32.12 -11.13
N ASN B 57 -14.76 31.62 -9.91
CA ASN B 57 -15.69 32.05 -8.88
C ASN B 57 -15.03 32.99 -7.87
N GLY B 58 -13.93 33.60 -8.27
CA GLY B 58 -13.20 34.55 -7.41
C GLY B 58 -12.56 33.86 -6.21
N TYR B 59 -12.06 32.64 -6.42
CA TYR B 59 -11.46 31.82 -5.34
C TYR B 59 -12.33 31.67 -4.10
N LYS B 60 -13.64 31.56 -4.28
CA LYS B 60 -14.55 31.55 -3.12
C LYS B 60 -14.31 30.47 -2.07
N ASN B 61 -14.03 29.26 -2.55
CA ASN B 61 -13.77 28.14 -1.64
C ASN B 61 -12.42 28.20 -0.98
N VAL B 62 -11.39 28.52 -1.77
CA VAL B 62 -10.07 28.80 -1.17
C VAL B 62 -10.18 29.92 -0.12
N LYS B 63 -10.90 30.99 -0.43
CA LYS B 63 -11.07 32.10 0.54
C LYS B 63 -11.77 31.61 1.81
N ASN B 64 -12.79 30.74 1.66
CA ASN B 64 -13.42 30.11 2.83
C ASN B 64 -12.44 29.26 3.64
N ASN B 65 -11.59 28.50 2.96
CA ASN B 65 -10.58 27.68 3.64
C ASN B 65 -9.66 28.52 4.50
N MET B 66 -9.41 29.75 4.04
CA MET B 66 -8.46 30.63 4.72
C MET B 66 -9.08 31.47 5.84
N ASN B 67 -10.33 31.89 5.64
CA ASN B 67 -10.91 33.00 6.40
C ASN B 67 -12.15 32.69 7.21
N SER B 68 -12.38 31.43 7.53
CA SER B 68 -13.67 31.09 8.17
C SER B 68 -13.74 30.75 9.66
N ASN B 69 -13.41 29.54 10.15
CA ASN B 69 -12.37 28.58 9.73
C ASN B 69 -11.07 28.81 10.47
N ASN B 70 -11.19 29.60 11.55
CA ASN B 70 -10.25 29.62 12.67
C ASN B 70 -8.82 30.09 12.38
N ASN B 71 -8.51 30.31 11.10
CA ASN B 71 -7.12 30.33 10.61
C ASN B 71 -6.43 28.97 10.86
N ARG B 72 -7.21 27.91 10.65
CA ARG B 72 -6.76 26.53 10.84
C ARG B 72 -5.52 26.18 10.05
N ILE B 73 -5.51 26.48 8.75
CA ILE B 73 -4.33 26.22 7.90
C ILE B 73 -3.06 26.77 8.54
N GLU B 74 -3.06 28.07 8.83
CA GLU B 74 -1.86 28.71 9.35
C GLU B 74 -1.40 28.12 10.68
N ASN B 75 -2.35 27.69 11.51
CA ASN B 75 -2.01 27.09 12.82
C ASN B 75 -1.63 25.60 12.80
N VAL B 76 -2.20 24.84 11.86
CA VAL B 76 -2.07 23.37 11.88
C VAL B 76 -1.11 22.77 10.83
N ILE B 77 -1.05 23.35 9.63
CA ILE B 77 -0.32 22.74 8.51
C ILE B 77 1.19 22.97 8.57
N LYS B 78 1.95 21.87 8.47
CA LYS B 78 3.41 21.86 8.63
C LYS B 78 4.18 21.60 7.34
N ILE B 79 3.47 21.29 6.25
CA ILE B 79 4.14 20.96 5.01
C ILE B 79 3.57 21.84 3.92
N GLY B 80 4.41 22.66 3.32
CA GLY B 80 3.98 23.50 2.23
C GLY B 80 3.05 24.61 2.69
N LYS B 81 3.13 24.95 3.96
CA LYS B 81 2.26 25.95 4.53
C LYS B 81 2.25 27.24 3.72
N GLU B 82 3.43 27.73 3.37
CA GLU B 82 3.50 29.01 2.70
C GLU B 82 2.93 28.95 1.28
N ILE B 83 3.10 27.82 0.61
CA ILE B 83 2.41 27.61 -0.67
C ILE B 83 0.88 27.74 -0.51
N LEU B 84 0.32 27.04 0.48
CA LEU B 84 -1.13 27.03 0.68
C LEU B 84 -1.67 28.42 1.04
N LEU B 85 -0.80 29.25 1.63
CA LEU B 85 -1.17 30.59 2.10
C LEU B 85 -0.88 31.67 1.04
N THR B 86 -0.30 31.26 -0.08
CA THR B 86 0.07 32.15 -1.19
C THR B 86 -0.99 33.23 -1.49
N ASP B 87 -0.56 34.50 -1.59
CA ASP B 87 -1.49 35.57 -2.01
C ASP B 87 -2.04 35.30 -3.42
N GLU B 88 -3.26 35.75 -3.67
CA GLU B 88 -3.98 35.38 -4.88
C GLU B 88 -3.22 35.73 -6.16
N GLU B 89 -2.62 36.92 -6.18
CA GLU B 89 -1.88 37.39 -7.35
C GLU B 89 -0.68 36.48 -7.66
N ASN B 90 -0.23 35.75 -6.64
CA ASN B 90 0.97 34.95 -6.78
C ASN B 90 0.72 33.52 -7.21
N ILE B 91 -0.56 33.12 -7.28
CA ILE B 91 -0.91 31.74 -7.69
C ILE B 91 -0.44 31.47 -9.13
N GLU B 92 -0.74 32.43 -10.01
CA GLU B 92 -0.28 32.42 -11.40
C GLU B 92 1.18 32.05 -11.60
N ASN B 93 2.01 32.41 -10.61
CA ASN B 93 3.46 32.26 -10.65
C ASN B 93 4.01 31.02 -9.96
N LEU B 94 3.14 30.19 -9.37
CA LEU B 94 3.60 28.91 -8.83
C LEU B 94 4.00 28.00 -9.98
N SER B 95 5.05 27.21 -9.78
CA SER B 95 5.38 26.11 -10.69
C SER B 95 4.16 25.18 -10.85
N GLU B 96 4.13 24.41 -11.93
CA GLU B 96 3.03 23.47 -12.13
C GLU B 96 2.88 22.47 -10.96
N GLU B 97 4.00 22.05 -10.39
N GLU B 97 3.99 22.01 -10.39
CA GLU B 97 4.01 21.13 -9.25
CA GLU B 97 3.95 21.10 -9.24
C GLU B 97 3.39 21.78 -8.01
C GLU B 97 3.35 21.78 -8.01
N ASP B 98 3.83 22.99 -7.71
CA ASP B 98 3.34 23.74 -6.54
C ASP B 98 1.87 24.13 -6.69
N LYS B 99 1.45 24.44 -7.92
CA LYS B 99 0.03 24.72 -8.21
C LYS B 99 -0.83 23.47 -7.97
N PHE B 100 -0.32 22.31 -8.40
CA PHE B 100 -1.06 21.06 -8.21
C PHE B 100 -1.19 20.83 -6.71
N PHE B 101 -0.10 21.00 -5.99
CA PHE B 101 -0.08 20.83 -4.54
C PHE B 101 -1.10 21.79 -3.90
N TYR B 102 -1.08 23.05 -4.34
CA TYR B 102 -2.02 24.05 -3.87
C TYR B 102 -3.49 23.61 -4.00
N PHE B 103 -3.89 23.24 -5.22
CA PHE B 103 -5.29 22.90 -5.45
C PHE B 103 -5.68 21.53 -4.89
N PHE B 104 -4.71 20.62 -4.81
CA PHE B 104 -4.95 19.31 -4.23
C PHE B 104 -5.33 19.47 -2.76
N ASN B 105 -4.50 20.17 -2.00
CA ASN B 105 -4.74 20.44 -0.58
C ASN B 105 -6.01 21.24 -0.38
N HIS B 106 -6.15 22.35 -1.11
CA HIS B 106 -7.34 23.17 -0.97
C HIS B 106 -8.65 22.46 -1.31
N PHE B 107 -8.61 21.54 -2.28
CA PHE B 107 -9.80 20.74 -2.59
C PHE B 107 -10.18 19.91 -1.36
N CYS B 108 -9.19 19.24 -0.80
CA CYS B 108 -9.43 18.41 0.40
C CYS B 108 -10.03 19.21 1.55
N PHE B 109 -9.42 20.37 1.84
CA PHE B 109 -9.89 21.26 2.92
C PHE B 109 -11.30 21.75 2.63
N TYR B 110 -11.57 22.09 1.37
CA TYR B 110 -12.91 22.48 0.93
C TYR B 110 -13.98 21.37 1.20
N ILE B 111 -13.68 20.14 0.82
CA ILE B 111 -14.62 19.05 1.04
C ILE B 111 -14.86 18.89 2.56
N ILE B 112 -13.79 18.85 3.34
CA ILE B 112 -13.87 18.67 4.80
C ILE B 112 -14.69 19.80 5.43
N ASN B 113 -14.36 21.05 5.10
CA ASN B 113 -15.09 22.18 5.68
C ASN B 113 -16.58 22.18 5.38
N ASN B 114 -16.91 21.75 4.16
CA ASN B 114 -18.29 21.71 3.70
C ASN B 114 -19.12 20.52 4.18
N THR B 115 -18.46 19.47 4.65
CA THR B 115 -19.19 18.23 4.96
C THR B 115 -19.07 17.72 6.42
N LYS B 116 -18.13 18.28 7.19
CA LYS B 116 -17.79 17.73 8.51
C LYS B 116 -18.98 17.74 9.48
N GLU B 117 -19.88 18.73 9.33
CA GLU B 117 -21.09 18.75 10.19
C GLU B 117 -21.91 17.46 10.07
N TYR B 118 -21.78 16.74 8.95
CA TYR B 118 -22.53 15.50 8.73
C TYR B 118 -21.70 14.20 8.85
N ALA B 119 -20.45 14.31 9.27
CA ALA B 119 -19.50 13.21 9.12
C ALA B 119 -19.13 12.58 10.47
N LEU B 120 -19.40 11.30 10.60
CA LEU B 120 -18.91 10.52 11.74
C LEU B 120 -17.39 10.34 11.66
N ILE B 121 -16.91 10.14 10.44
CA ILE B 121 -15.51 9.75 10.22
C ILE B 121 -15.19 10.07 8.77
N TYR B 122 -13.93 10.36 8.49
CA TYR B 122 -13.45 10.48 7.10
C TYR B 122 -12.57 9.27 6.80
N LYS B 123 -12.76 8.69 5.61
CA LYS B 123 -11.91 7.56 5.14
C LYS B 123 -11.15 8.03 3.91
N MET B 124 -9.81 8.04 4.02
CA MET B 124 -8.90 8.43 2.90
C MET B 124 -8.30 7.19 2.28
N ASN B 125 -8.59 6.95 0.99
CA ASN B 125 -8.01 5.79 0.36
C ASN B 125 -6.61 6.16 -0.15
N PHE B 126 -5.59 5.48 0.39
CA PHE B 126 -4.17 5.72 0.12
C PHE B 126 -3.85 5.75 -1.39
N ALA B 127 -4.55 4.91 -2.16
CA ALA B 127 -4.27 4.77 -3.59
C ALA B 127 -4.29 6.13 -4.33
N PHE B 128 -5.19 7.01 -3.89
CA PHE B 128 -5.41 8.34 -4.52
C PHE B 128 -4.27 9.29 -4.25
N TYR B 129 -3.52 8.99 -3.18
CA TYR B 129 -2.47 9.91 -2.71
C TYR B 129 -1.05 9.55 -3.11
N ILE B 130 -0.80 8.31 -3.50
CA ILE B 130 0.56 7.88 -3.83
C ILE B 130 1.04 8.14 -5.30
N PRO B 131 0.12 8.30 -6.29
CA PRO B 131 0.60 8.29 -7.68
C PRO B 131 1.50 9.44 -8.12
N TYR B 132 1.52 10.50 -7.33
CA TYR B 132 2.34 11.68 -7.60
C TYR B 132 3.61 11.67 -6.73
N GLY B 133 3.97 10.51 -6.17
CA GLY B 133 5.06 10.45 -5.19
C GLY B 133 4.88 11.31 -3.94
N SER B 134 5.95 12.01 -3.55
CA SER B 134 5.97 12.80 -2.33
C SER B 134 4.87 13.87 -2.24
N VAL B 135 4.49 14.45 -3.38
N VAL B 135 4.49 14.45 -3.38
CA VAL B 135 3.55 15.55 -3.31
CA VAL B 135 3.53 15.56 -3.38
C VAL B 135 2.20 15.08 -2.73
C VAL B 135 2.15 15.14 -2.84
N GLY B 136 1.73 13.92 -3.16
CA GLY B 136 0.44 13.39 -2.66
C GLY B 136 0.49 12.89 -1.20
N ILE B 137 1.64 12.36 -0.82
CA ILE B 137 1.86 11.91 0.55
C ILE B 137 1.94 13.13 1.50
N ASN B 138 2.60 14.20 1.05
CA ASN B 138 2.55 15.49 1.78
C ASN B 138 1.11 15.96 1.95
N ALA B 139 0.31 15.94 0.86
CA ALA B 139 -1.10 16.29 0.96
C ALA B 139 -1.82 15.38 1.96
N LEU B 140 -1.52 14.08 1.93
CA LEU B 140 -2.20 13.10 2.78
C LEU B 140 -1.92 13.44 4.26
N LYS B 141 -0.66 13.70 4.54
CA LYS B 141 -0.24 14.18 5.88
C LYS B 141 -0.99 15.44 6.33
N ASN B 142 -1.04 16.46 5.46
CA ASN B 142 -1.83 17.66 5.73
C ASN B 142 -3.31 17.35 6.04
N VAL B 143 -3.90 16.45 5.27
CA VAL B 143 -5.31 16.11 5.50
C VAL B 143 -5.50 15.49 6.91
N PHE B 144 -4.61 14.57 7.25
CA PHE B 144 -4.65 13.96 8.58
C PHE B 144 -4.39 15.00 9.71
N ASP B 145 -3.38 15.85 9.52
CA ASP B 145 -3.11 16.97 10.48
C ASP B 145 -4.34 17.85 10.66
N TYR B 146 -4.98 18.21 9.53
CA TYR B 146 -6.17 19.05 9.54
C TYR B 146 -7.34 18.40 10.31
N LEU B 147 -7.67 17.17 9.93
CA LEU B 147 -8.77 16.41 10.63
C LEU B 147 -8.43 16.22 12.11
N ASN B 148 -7.18 15.88 12.40
CA ASN B 148 -6.75 15.65 13.77
C ASN B 148 -6.87 16.91 14.64
N SER B 149 -6.64 18.08 14.03
CA SER B 149 -6.77 19.38 14.76
C SER B 149 -8.20 19.65 15.23
N MET B 150 -9.16 18.98 14.58
CA MET B 150 -10.57 19.05 14.97
C MET B 150 -11.07 17.81 15.72
N ASN B 151 -10.15 16.87 15.98
CA ASN B 151 -10.43 15.58 16.62
C ASN B 151 -11.47 14.74 15.88
N ILE B 152 -11.58 14.93 14.56
CA ILE B 152 -12.56 14.17 13.78
C ILE B 152 -11.99 12.77 13.55
N PRO B 153 -12.82 11.70 13.75
CA PRO B 153 -12.31 10.35 13.48
C PRO B 153 -11.78 10.19 12.04
N THR B 154 -10.69 9.44 11.90
CA THR B 154 -10.09 9.18 10.58
C THR B 154 -9.81 7.70 10.32
N MET B 155 -9.75 7.34 9.04
CA MET B 155 -9.34 6.01 8.64
C MET B 155 -8.49 6.13 7.36
N LEU B 156 -7.42 5.35 7.29
CA LEU B 156 -6.66 5.24 6.03
C LEU B 156 -7.03 3.90 5.39
N ASP B 157 -7.63 3.96 4.20
CA ASP B 157 -8.02 2.74 3.52
C ASP B 157 -6.86 2.40 2.57
N MET B 158 -6.05 1.44 3.02
CA MET B 158 -4.84 1.04 2.29
C MET B 158 -4.76 -0.47 2.08
N LYS B 159 -5.63 -1.23 2.73
CA LYS B 159 -5.74 -2.68 2.52
C LYS B 159 -4.34 -3.30 2.68
N ILE B 160 -3.64 -2.90 3.74
CA ILE B 160 -2.25 -3.28 3.95
C ILE B 160 -2.12 -4.79 4.20
N ASN B 161 -1.02 -5.35 3.71
CA ASN B 161 -0.63 -6.69 4.12
C ASN B 161 0.85 -6.94 3.90
N ASP B 162 1.44 -7.66 4.86
CA ASP B 162 2.78 -8.24 4.69
C ASP B 162 3.06 -9.16 5.88
N ILE B 163 4.27 -9.70 5.95
CA ILE B 163 4.67 -10.52 7.09
C ILE B 163 4.82 -9.63 8.35
N GLY B 164 4.71 -10.25 9.51
CA GLY B 164 4.61 -9.49 10.77
C GLY B 164 5.66 -8.40 10.96
N ASN B 165 6.94 -8.75 10.89
CA ASN B 165 7.98 -7.78 11.17
C ASN B 165 8.00 -6.62 10.15
N THR B 166 7.66 -6.94 8.92
CA THR B 166 7.53 -5.97 7.85
C THR B 166 6.30 -5.05 7.99
N VAL B 167 5.16 -5.59 8.37
CA VAL B 167 3.96 -4.74 8.56
C VAL B 167 4.07 -3.69 9.66
N LYS B 168 5.01 -3.86 10.59
CA LYS B 168 5.29 -2.82 11.59
C LYS B 168 5.59 -1.48 10.92
N ASN B 169 6.13 -1.52 9.70
CA ASN B 169 6.36 -0.28 8.97
C ASN B 169 5.03 0.47 8.63
N TYR B 170 4.04 -0.30 8.20
CA TYR B 170 2.72 0.28 7.95
C TYR B 170 2.09 0.78 9.23
N ARG B 171 2.24 0.02 10.31
CA ARG B 171 1.78 0.52 11.63
C ARG B 171 2.36 1.91 11.96
N LYS B 172 3.68 2.05 11.79
CA LYS B 172 4.34 3.33 12.04
C LYS B 172 3.78 4.40 11.08
N PHE B 173 3.76 4.11 9.78
CA PHE B 173 3.24 5.09 8.81
C PHE B 173 1.84 5.59 9.20
N ILE B 174 0.92 4.65 9.38
CA ILE B 174 -0.50 4.95 9.63
C ILE B 174 -0.76 5.55 11.02
N PHE B 175 -0.24 4.92 12.07
CA PHE B 175 -0.66 5.29 13.42
C PHE B 175 0.30 6.26 14.15
N GLU B 176 1.56 6.32 13.72
CA GLU B 176 2.56 7.21 14.33
C GLU B 176 2.80 8.43 13.46
N TYR B 177 2.94 8.23 12.15
CA TYR B 177 3.20 9.36 11.25
C TYR B 177 1.92 10.14 10.89
N LEU B 178 0.99 9.50 10.18
CA LEU B 178 -0.30 10.12 9.90
C LEU B 178 -1.17 10.32 11.15
N LYS B 179 -0.95 9.46 12.15
CA LYS B 179 -1.81 9.51 13.37
C LYS B 179 -3.29 9.31 13.05
N SER B 180 -3.57 8.35 12.16
N SER B 180 -3.57 8.35 12.16
CA SER B 180 -4.93 7.90 11.88
CA SER B 180 -4.93 7.90 11.90
C SER B 180 -5.48 7.14 13.07
C SER B 180 -5.48 7.23 13.15
N ASP B 181 -6.81 7.14 13.20
CA ASP B 181 -7.49 6.34 14.23
C ASP B 181 -7.61 4.88 13.80
N SER B 182 -7.63 4.66 12.50
CA SER B 182 -7.91 3.31 12.00
C SER B 182 -7.37 3.10 10.56
N CYS B 183 -7.40 1.84 10.14
CA CYS B 183 -7.03 1.51 8.76
C CYS B 183 -7.71 0.23 8.30
N THR B 184 -7.62 -0.06 6.99
CA THR B 184 -8.12 -1.32 6.46
C THR B 184 -6.96 -2.25 6.22
N ILE B 185 -7.21 -3.54 6.35
CA ILE B 185 -6.16 -4.57 6.30
C ILE B 185 -6.67 -5.81 5.52
N ASN B 186 -5.77 -6.41 4.75
CA ASN B 186 -6.13 -7.63 4.01
C ASN B 186 -5.41 -8.80 4.68
N VAL B 187 -6.16 -9.69 5.32
CA VAL B 187 -5.53 -10.77 6.08
C VAL B 187 -5.39 -12.13 5.35
N TYR B 188 -5.46 -12.10 4.03
CA TYR B 188 -5.32 -13.36 3.29
C TYR B 188 -3.99 -14.12 3.57
N MET B 189 -2.92 -13.36 3.81
CA MET B 189 -1.65 -14.01 4.13
C MET B 189 -1.74 -14.80 5.45
N GLY B 190 -2.65 -14.37 6.34
CA GLY B 190 -2.73 -14.85 7.70
C GLY B 190 -3.16 -13.75 8.66
N THR B 191 -3.70 -14.14 9.83
CA THR B 191 -4.18 -13.19 10.84
C THR B 191 -3.07 -12.79 11.82
N SER B 192 -1.94 -13.49 11.80
CA SER B 192 -0.85 -13.15 12.71
C SER B 192 -0.37 -11.70 12.51
N MET B 193 -0.46 -11.19 11.27
CA MET B 193 -0.06 -9.80 11.00
C MET B 193 -0.77 -8.81 11.91
N LEU B 194 -1.97 -9.16 12.37
CA LEU B 194 -2.77 -8.23 13.17
C LEU B 194 -2.07 -7.81 14.45
N LYS B 195 -1.27 -8.70 15.02
CA LYS B 195 -0.58 -8.37 16.25
C LYS B 195 0.47 -7.29 16.04
N ASP B 196 0.92 -7.14 14.81
CA ASP B 196 1.97 -6.18 14.52
C ASP B 196 1.45 -4.92 13.86
N ILE B 197 0.13 -4.85 13.74
CA ILE B 197 -0.51 -3.64 13.20
C ILE B 197 -1.36 -2.97 14.30
N CYS B 198 -2.16 -3.80 15.01
CA CYS B 198 -3.10 -3.35 15.99
C CYS B 198 -2.53 -3.23 17.42
N PHE B 199 -1.28 -3.63 17.58
CA PHE B 199 -0.62 -3.55 18.90
C PHE B 199 0.85 -3.18 18.71
N ASP B 200 1.37 -2.33 19.59
CA ASP B 200 2.78 -2.00 19.64
C ASP B 200 3.26 -2.26 21.07
N TYR B 201 4.00 -3.36 21.26
CA TYR B 201 4.47 -3.72 22.61
C TYR B 201 5.33 -2.62 23.24
N GLU B 202 6.28 -2.10 22.46
CA GLU B 202 7.23 -1.13 22.97
C GLU B 202 6.57 0.13 23.52
N LYS B 203 5.49 0.58 22.86
CA LYS B 203 4.74 1.76 23.29
C LYS B 203 3.55 1.43 24.19
N ASN B 204 3.26 0.14 24.30
CA ASN B 204 2.04 -0.37 24.89
C ASN B 204 0.78 0.31 24.36
N LYS B 205 0.65 0.33 23.05
CA LYS B 205 -0.46 0.99 22.39
C LYS B 205 -1.23 0.05 21.48
N TYR B 206 -2.53 0.30 21.41
CA TYR B 206 -3.44 -0.46 20.57
C TYR B 206 -4.10 0.44 19.53
N TYR B 207 -4.32 -0.11 18.34
CA TYR B 207 -4.86 0.65 17.20
C TYR B 207 -6.02 -0.14 16.56
N SER B 208 -7.03 0.57 16.08
CA SER B 208 -8.20 -0.07 15.49
C SER B 208 -8.08 -0.27 14.00
N ALA B 209 -8.79 -1.27 13.48
CA ALA B 209 -8.74 -1.55 12.04
C ALA B 209 -9.95 -2.34 11.59
N TYR B 210 -10.15 -2.37 10.28
CA TYR B 210 -11.20 -3.16 9.66
C TYR B 210 -10.53 -4.07 8.65
N VAL B 211 -10.85 -5.37 8.72
CA VAL B 211 -10.27 -6.39 7.84
C VAL B 211 -11.25 -6.65 6.68
N LEU B 212 -10.71 -6.87 5.48
CA LEU B 212 -11.56 -7.17 4.32
C LEU B 212 -12.28 -8.50 4.52
N ILE B 213 -13.61 -8.46 4.51
CA ILE B 213 -14.41 -9.69 4.66
C ILE B 213 -15.16 -9.94 3.35
N LYS B 214 -15.96 -8.95 2.92
CA LYS B 214 -16.70 -9.07 1.68
C LYS B 214 -16.59 -7.75 0.94
N THR B 215 -15.88 -7.78 -0.18
CA THR B 215 -15.63 -6.54 -0.97
C THR B 215 -16.63 -6.26 -2.08
N THR B 216 -16.59 -5.03 -2.61
CA THR B 216 -17.70 -4.53 -3.43
C THR B 216 -17.58 -4.87 -4.91
N ASN B 217 -16.40 -5.30 -5.32
CA ASN B 217 -16.14 -5.59 -6.72
C ASN B 217 -16.96 -6.79 -7.18
N LYS B 218 -17.36 -6.74 -8.44
CA LYS B 218 -18.26 -7.72 -9.02
C LYS B 218 -17.79 -9.16 -8.84
N ASP B 219 -16.50 -9.42 -9.05
CA ASP B 219 -15.95 -10.77 -8.92
C ASP B 219 -15.50 -11.20 -7.50
N SER B 220 -15.94 -10.48 -6.48
CA SER B 220 -15.48 -10.75 -5.13
C SER B 220 -15.93 -12.12 -4.61
N PHE B 221 -16.88 -12.77 -5.32
CA PHE B 221 -17.33 -14.13 -4.91
C PHE B 221 -16.30 -15.21 -5.18
N ILE B 222 -15.38 -14.95 -6.11
CA ILE B 222 -14.44 -15.95 -6.60
C ILE B 222 -13.66 -16.65 -5.48
N PHE B 223 -13.17 -15.88 -4.52
CA PHE B 223 -12.47 -16.44 -3.37
C PHE B 223 -13.30 -16.33 -2.07
N GLN B 224 -14.02 -15.23 -1.89
CA GLN B 224 -14.72 -14.97 -0.62
C GLN B 224 -15.94 -15.87 -0.37
N ASN B 225 -16.57 -16.28 -1.48
CA ASN B 225 -17.76 -17.13 -1.41
C ASN B 225 -17.55 -18.56 -1.90
N GLU B 226 -16.77 -18.73 -2.96
CA GLU B 226 -16.61 -20.05 -3.58
C GLU B 226 -15.71 -20.99 -2.77
N LEU B 227 -14.70 -20.44 -2.11
CA LEU B 227 -13.85 -21.21 -1.19
C LEU B 227 -14.56 -21.49 0.13
N SER B 228 -14.25 -22.62 0.76
CA SER B 228 -14.87 -22.99 2.04
C SER B 228 -14.04 -24.02 2.85
N ILE B 229 -14.45 -24.20 4.11
CA ILE B 229 -13.93 -25.28 4.98
C ILE B 229 -15.14 -25.85 5.71
N ASN B 230 -15.36 -27.17 5.59
CA ASN B 230 -16.49 -27.83 6.26
C ASN B 230 -17.79 -27.01 6.15
N ASP B 231 -18.22 -26.82 4.89
CA ASP B 231 -19.38 -26.00 4.50
C ASP B 231 -19.53 -24.59 5.12
N LYS B 232 -18.39 -23.97 5.43
CA LYS B 232 -18.38 -22.57 5.87
C LYS B 232 -17.63 -21.76 4.81
N GLN B 233 -18.30 -20.81 4.16
CA GLN B 233 -17.63 -19.98 3.13
C GLN B 233 -16.44 -19.17 3.70
N ALA B 234 -15.47 -18.91 2.82
CA ALA B 234 -14.25 -18.22 3.19
C ALA B 234 -14.47 -16.94 4.01
N TYR B 235 -15.45 -16.13 3.60
CA TYR B 235 -15.62 -14.80 4.26
C TYR B 235 -15.98 -14.96 5.75
N ILE B 236 -16.76 -16.00 6.03
CA ILE B 236 -17.12 -16.36 7.40
C ILE B 236 -15.91 -16.90 8.19
N VAL B 237 -15.15 -17.83 7.60
CA VAL B 237 -13.93 -18.35 8.21
C VAL B 237 -12.96 -17.18 8.52
N MET B 238 -12.83 -16.27 7.58
CA MET B 238 -11.90 -15.15 7.76
C MET B 238 -12.36 -14.20 8.88
N ALA B 239 -13.67 -13.98 8.99
CA ALA B 239 -14.24 -13.17 10.07
C ALA B 239 -13.99 -13.87 11.42
N GLU B 240 -14.27 -15.18 11.47
CA GLU B 240 -13.95 -15.98 12.68
C GLU B 240 -12.48 -15.94 13.13
N GLU B 241 -11.56 -16.16 12.19
CA GLU B 241 -10.12 -16.10 12.48
C GLU B 241 -9.69 -14.71 12.95
N THR B 242 -10.25 -13.68 12.31
CA THR B 242 -9.99 -12.32 12.72
C THR B 242 -10.39 -12.07 14.19
N GLN B 243 -11.62 -12.45 14.52
CA GLN B 243 -12.14 -12.29 15.89
C GLN B 243 -11.29 -13.09 16.91
N LYS B 244 -10.92 -14.30 16.56
CA LYS B 244 -9.97 -15.08 17.38
C LYS B 244 -8.70 -14.28 17.71
N MET B 245 -8.09 -13.67 16.69
CA MET B 245 -6.90 -12.87 16.91
C MET B 245 -7.17 -11.64 17.80
N ALA B 246 -8.33 -11.01 17.59
CA ALA B 246 -8.71 -9.82 18.33
C ALA B 246 -8.83 -10.15 19.83
N THR B 247 -9.44 -11.30 20.08
CA THR B 247 -9.61 -11.80 21.45
C THR B 247 -8.26 -12.14 22.08
N ASP B 248 -7.38 -12.84 21.35
N ASP B 248 -7.40 -12.85 21.34
CA ASP B 248 -6.06 -13.20 21.86
CA ASP B 248 -6.05 -13.21 21.81
C ASP B 248 -5.21 -11.95 22.17
C ASP B 248 -5.24 -11.96 22.17
N LEU B 249 -5.37 -10.92 21.34
CA LEU B 249 -4.69 -9.65 21.55
C LEU B 249 -5.25 -8.81 22.69
N LYS B 250 -6.47 -9.14 23.13
CA LYS B 250 -7.20 -8.39 24.18
C LYS B 250 -7.47 -6.97 23.75
N ILE B 251 -7.71 -6.78 22.46
CA ILE B 251 -7.83 -5.42 21.95
C ILE B 251 -9.07 -4.69 22.50
N ASP B 252 -10.17 -5.42 22.67
CA ASP B 252 -11.42 -4.82 23.16
C ASP B 252 -11.25 -4.21 24.56
N GLN B 253 -10.44 -4.85 25.40
CA GLN B 253 -10.17 -4.40 26.77
C GLN B 253 -9.48 -3.05 26.77
N ASN B 254 -8.87 -2.73 25.64
CA ASN B 254 -8.13 -1.49 25.50
C ASN B 254 -8.88 -0.44 24.70
N ASN B 255 -10.18 -0.68 24.52
CA ASN B 255 -11.11 0.27 23.94
C ASN B 255 -10.76 0.56 22.48
N GLU B 256 -10.26 -0.46 21.81
CA GLU B 256 -9.99 -0.41 20.37
C GLU B 256 -10.67 -1.66 19.82
N PHE B 257 -10.65 -1.83 18.50
CA PHE B 257 -11.38 -2.96 17.90
C PHE B 257 -10.70 -3.41 16.60
N ILE B 258 -10.96 -4.67 16.21
CA ILE B 258 -10.67 -5.14 14.85
C ILE B 258 -12.03 -5.55 14.30
N GLY B 259 -12.47 -4.80 13.29
CA GLY B 259 -13.77 -5.02 12.68
C GLY B 259 -13.64 -5.57 11.26
N PHE B 260 -14.72 -5.40 10.50
CA PHE B 260 -14.96 -6.07 9.20
C PHE B 260 -15.41 -5.08 8.13
N VAL B 261 -14.86 -5.26 6.94
CA VAL B 261 -15.32 -4.54 5.76
C VAL B 261 -16.29 -5.49 5.05
N VAL B 262 -17.54 -5.05 4.97
CA VAL B 262 -18.58 -5.78 4.26
C VAL B 262 -19.32 -4.85 3.32
N GLY B 263 -19.26 -5.13 2.01
CA GLY B 263 -19.83 -4.24 0.97
C GLY B 263 -21.34 -4.00 1.15
N SER B 264 -21.78 -2.80 0.79
N SER B 264 -21.79 -2.80 0.83
CA SER B 264 -23.21 -2.39 0.89
CA SER B 264 -23.22 -2.47 0.96
C SER B 264 -24.11 -3.14 -0.11
C SER B 264 -24.08 -3.46 0.15
N ASN B 265 -23.49 -3.96 -0.94
CA ASN B 265 -24.17 -4.77 -1.93
C ASN B 265 -24.22 -6.25 -1.55
N ALA B 266 -23.58 -6.57 -0.42
CA ALA B 266 -23.48 -7.94 0.08
C ALA B 266 -24.47 -8.13 1.23
N PHE B 267 -25.76 -8.00 0.89
CA PHE B 267 -26.86 -8.02 1.88
C PHE B 267 -26.88 -9.28 2.71
N GLU B 268 -26.81 -10.44 2.05
CA GLU B 268 -26.83 -11.74 2.76
C GLU B 268 -25.63 -11.92 3.71
N GLU B 269 -24.45 -11.56 3.22
CA GLU B 269 -23.22 -11.63 4.02
C GLU B 269 -23.30 -10.67 5.21
N MET B 270 -23.83 -9.46 4.99
CA MET B 270 -24.02 -8.48 6.08
C MET B 270 -24.88 -9.07 7.20
N LYS B 271 -26.03 -9.67 6.84
CA LYS B 271 -26.92 -10.28 7.83
C LYS B 271 -26.17 -11.37 8.61
N ILE B 272 -25.48 -12.26 7.88
CA ILE B 272 -24.70 -13.34 8.49
C ILE B 272 -23.60 -12.84 9.45
N ILE B 273 -22.82 -11.84 9.00
CA ILE B 273 -21.76 -11.31 9.85
C ILE B 273 -22.30 -10.57 11.09
N ARG B 274 -23.30 -9.72 10.88
CA ARG B 274 -23.95 -9.04 12.02
C ARG B 274 -24.55 -10.03 13.03
N ASN B 275 -25.22 -11.06 12.56
CA ASN B 275 -25.80 -12.04 13.50
C ASN B 275 -24.75 -12.88 14.24
N LYS B 276 -23.67 -13.26 13.55
CA LYS B 276 -22.61 -14.04 14.16
C LYS B 276 -21.75 -13.20 15.12
N PHE B 277 -21.61 -11.91 14.79
CA PHE B 277 -20.77 -10.99 15.57
C PHE B 277 -21.59 -9.73 15.89
N PRO B 278 -22.57 -9.87 16.81
CA PRO B 278 -23.50 -8.77 17.07
C PRO B 278 -22.84 -7.48 17.57
N ASP B 279 -21.67 -7.58 18.20
CA ASP B 279 -20.98 -6.41 18.75
C ASP B 279 -19.84 -5.87 17.88
N SER B 280 -19.69 -6.46 16.70
CA SER B 280 -18.57 -6.10 15.81
C SER B 280 -18.76 -4.72 15.16
N TYR B 281 -17.64 -4.07 14.84
CA TYR B 281 -17.65 -2.82 14.10
C TYR B 281 -17.53 -3.15 12.62
N ILE B 282 -18.43 -2.62 11.82
CA ILE B 282 -18.42 -2.92 10.39
C ILE B 282 -18.28 -1.62 9.62
N LEU B 283 -17.46 -1.69 8.56
CA LEU B 283 -17.36 -0.64 7.56
C LEU B 283 -18.06 -1.14 6.29
N SER B 284 -18.98 -0.35 5.73
CA SER B 284 -19.68 -0.78 4.51
C SER B 284 -19.52 0.21 3.36
N PRO B 285 -18.50 -0.02 2.48
CA PRO B 285 -18.42 0.83 1.26
C PRO B 285 -19.39 0.37 0.16
N GLY B 286 -19.65 1.24 -0.82
CA GLY B 286 -20.33 0.82 -2.04
C GLY B 286 -21.73 1.38 -2.31
N ILE B 287 -22.32 2.07 -1.33
CA ILE B 287 -23.63 2.74 -1.51
C ILE B 287 -23.56 3.97 -2.43
N ASP B 293 -27.45 -1.13 -1.97
CA ASP B 293 -28.72 -0.53 -1.54
C ASP B 293 -28.67 -0.17 -0.05
N LEU B 294 -29.11 1.05 0.29
CA LEU B 294 -28.87 1.62 1.61
C LEU B 294 -29.81 1.07 2.69
N TYR B 295 -31.10 0.97 2.36
CA TYR B 295 -32.06 0.43 3.31
C TYR B 295 -31.72 -0.99 3.73
N LYS B 296 -31.42 -1.85 2.75
CA LYS B 296 -31.17 -3.25 3.03
C LYS B 296 -29.86 -3.41 3.81
N THR B 297 -28.86 -2.60 3.45
CA THR B 297 -27.58 -2.60 4.16
C THR B 297 -27.77 -2.30 5.65
N LEU B 298 -28.44 -1.19 5.93
CA LEU B 298 -28.72 -0.78 7.30
C LEU B 298 -29.58 -1.75 8.12
N LYS B 299 -30.65 -2.27 7.51
CA LYS B 299 -31.49 -3.31 8.16
C LYS B 299 -30.69 -4.57 8.52
N ASN B 300 -29.93 -5.09 7.55
CA ASN B 300 -29.18 -6.34 7.72
C ASN B 300 -28.01 -6.21 8.70
N GLY B 301 -27.36 -5.06 8.67
CA GLY B 301 -26.17 -4.87 9.52
C GLY B 301 -26.42 -4.02 10.75
N TYR B 302 -27.69 -3.71 11.00
CA TYR B 302 -28.09 -2.79 12.06
C TYR B 302 -27.42 -3.03 13.42
N ASN B 303 -26.97 -1.93 14.03
CA ASN B 303 -26.57 -1.88 15.45
C ASN B 303 -27.08 -0.59 16.06
N LYS B 304 -27.70 -0.71 17.24
CA LYS B 304 -28.23 0.47 17.93
C LYS B 304 -27.12 1.51 18.14
N ASP B 305 -25.88 1.02 18.29
CA ASP B 305 -24.72 1.87 18.35
C ASP B 305 -24.30 2.15 16.90
N TYR B 306 -24.80 3.25 16.34
CA TYR B 306 -24.68 3.52 14.88
C TYR B 306 -23.25 3.44 14.39
N GLU B 307 -22.29 3.88 15.19
CA GLU B 307 -20.87 3.86 14.79
C GLU B 307 -20.35 2.44 14.43
N LYS B 308 -21.07 1.40 14.83
CA LYS B 308 -20.65 0.01 14.53
C LYS B 308 -21.04 -0.47 13.12
N LEU B 309 -21.64 0.43 12.34
CA LEU B 309 -21.91 0.16 10.91
C LEU B 309 -21.71 1.47 10.16
N LEU B 310 -20.49 1.67 9.68
CA LEU B 310 -20.15 2.86 8.91
C LEU B 310 -20.67 2.70 7.50
N ILE B 311 -21.40 3.70 7.02
CA ILE B 311 -21.81 3.74 5.62
C ILE B 311 -20.91 4.73 4.86
N ASN B 312 -19.99 4.23 4.04
CA ASN B 312 -19.09 5.09 3.29
C ASN B 312 -19.72 5.68 2.03
N VAL B 313 -19.61 7.00 1.89
CA VAL B 313 -20.06 7.67 0.68
C VAL B 313 -18.91 8.60 0.25
N GLY B 314 -18.35 8.36 -0.95
CA GLY B 314 -17.16 9.15 -1.41
C GLY B 314 -17.53 10.01 -2.62
N ARG B 315 -17.38 9.40 -3.79
CA ARG B 315 -17.64 10.06 -5.10
C ARG B 315 -18.98 10.78 -5.20
N ALA B 316 -20.03 10.21 -4.66
CA ALA B 316 -21.34 10.89 -4.68
C ALA B 316 -21.33 12.24 -3.97
N ILE B 317 -20.40 12.40 -3.02
CA ILE B 317 -20.22 13.67 -2.32
C ILE B 317 -19.12 14.52 -2.95
N THR B 318 -17.96 13.91 -3.19
CA THR B 318 -16.80 14.68 -3.62
C THR B 318 -16.92 15.17 -5.06
N LYS B 319 -17.72 14.47 -5.86
CA LYS B 319 -17.99 14.86 -7.25
C LYS B 319 -19.30 15.62 -7.41
N SER B 320 -19.94 15.94 -6.30
CA SER B 320 -21.21 16.65 -6.35
C SER B 320 -20.95 18.13 -6.64
N PRO B 321 -21.82 18.75 -7.45
CA PRO B 321 -21.78 20.23 -7.57
C PRO B 321 -21.91 20.94 -6.21
N ASN B 322 -22.56 20.32 -5.25
CA ASN B 322 -22.70 20.87 -3.90
C ASN B 322 -22.48 19.80 -2.80
N PRO B 323 -21.21 19.53 -2.46
CA PRO B 323 -20.98 18.47 -1.45
C PRO B 323 -21.63 18.66 -0.08
N LYS B 324 -21.86 19.89 0.39
CA LYS B 324 -22.60 20.08 1.64
C LYS B 324 -24.02 19.51 1.54
N LYS B 325 -24.76 19.99 0.53
N LYS B 325 -24.69 19.82 0.43
CA LYS B 325 -26.16 19.63 0.33
CA LYS B 325 -26.05 19.31 0.19
C LYS B 325 -26.29 18.10 0.19
C LYS B 325 -26.09 17.81 -0.19
N SER B 326 -25.37 17.53 -0.60
N SER B 326 -25.04 17.29 -0.83
CA SER B 326 -25.30 16.09 -0.90
CA SER B 326 -25.03 15.85 -1.08
C SER B 326 -25.00 15.25 0.35
C SER B 326 -24.83 15.09 0.22
N SER B 327 -23.96 15.63 1.08
CA SER B 327 -23.70 14.99 2.37
C SER B 327 -24.98 15.09 3.26
N GLU B 328 -25.61 16.28 3.29
CA GLU B 328 -26.88 16.44 4.02
C GLU B 328 -27.93 15.43 3.56
N SER B 329 -27.97 15.18 2.25
CA SER B 329 -28.93 14.27 1.64
C SER B 329 -28.78 12.84 2.17
N TYR B 330 -27.55 12.32 2.14
CA TYR B 330 -27.25 11.03 2.75
C TYR B 330 -27.54 11.03 4.24
N TYR B 331 -27.17 12.12 4.91
CA TYR B 331 -27.44 12.27 6.35
C TYR B 331 -28.95 12.13 6.66
N ASN B 332 -29.78 12.79 5.85
CA ASN B 332 -31.24 12.66 6.01
C ASN B 332 -31.83 11.32 5.63
N GLN B 333 -31.31 10.70 4.57
CA GLN B 333 -31.79 9.36 4.17
C GLN B 333 -31.55 8.36 5.31
N ILE B 334 -30.36 8.41 5.90
CA ILE B 334 -30.02 7.56 7.03
C ILE B 334 -30.97 7.77 8.24
N ILE B 335 -31.24 9.03 8.58
CA ILE B 335 -32.20 9.32 9.66
C ILE B 335 -33.56 8.65 9.35
N GLN B 336 -34.05 8.84 8.14
CA GLN B 336 -35.33 8.27 7.74
C GLN B 336 -35.28 6.74 7.84
N ILE B 337 -34.20 6.13 7.35
CA ILE B 337 -34.07 4.68 7.42
C ILE B 337 -34.09 4.18 8.88
N PHE B 338 -33.36 4.87 9.78
CA PHE B 338 -33.34 4.50 11.20
C PHE B 338 -34.71 4.71 11.88
N LYS B 339 -35.38 5.79 11.49
CA LYS B 339 -36.78 6.02 11.89
C LYS B 339 -37.63 4.80 11.50
N ASP B 340 -37.55 4.40 10.22
CA ASP B 340 -38.24 3.21 9.70
C ASP B 340 -37.84 1.91 10.43
N ILE B 341 -36.54 1.62 10.54
CA ILE B 341 -36.04 0.41 11.24
C ILE B 341 -36.46 0.31 12.71
N GLU B 342 -36.35 1.42 13.43
CA GLU B 342 -36.60 1.45 14.87
C GLU B 342 -38.08 1.67 15.22
N ASN B 343 -38.92 1.75 14.18
CA ASN B 343 -40.34 2.16 14.30
C ASN B 343 -41.08 1.67 15.55
I IOD C . 5.85 -13.58 0.98
I IOD D . -14.07 -2.75 -0.57
#